data_7MEW
#
_entry.id   7MEW
#
_cell.length_a   1.00
_cell.length_b   1.00
_cell.length_c   1.00
_cell.angle_alpha   90.00
_cell.angle_beta   90.00
_cell.angle_gamma   90.00
#
_symmetry.space_group_name_H-M   'P 1'
#
loop_
_entity.id
_entity.type
_entity.pdbx_description
1 polymer 'ATP-dependent lipid A-core flippase'
2 non-polymer '(2E)-3-{1-cyclopropyl-7-[(1S)-1-(3,6-dichloro-2-fluorophenyl)ethoxy]naphthalen-2-yl}prop-2-enoic acid'
#
_entity_poly.entity_id   1
_entity_poly.type   'polypeptide(L)'
_entity_poly.pdbx_seq_one_letter_code
;MGHHHHHHHHHHSSGHIDDDDKHMHNDKDLSTWQTFRRLWPTIAPFKAGLIVAGVALILNAASDTFMLSLLKPLLDDGFG
KTDRSVLVWMPLVVIGLMILRGITSYVSSYCISWVSGKVVMTMRRRLFGHMMGMPVSFFDKQSTGTLLSRITYDSEQVAS
SSSGALITVVREGASIIGLFIMMFYYSWQLSIILIVLAPIVSIAIRVVSKRFRNISKNMQNTMGQVTTSAEQMLKGHKEV
LIFGGQEVETKRFDKVSNRMRLQGMKMVSASSISDPIIQLIASLALAFVLYAASFPSVMDSLTAGTITVVFSSMIALMRP
LKSLTNVNAQFQRGMAACQTLFTILDSEQEKDEGKRVIERATGDVEFRNVTFTYPGRDVPALRNINLKIPAGKTVALVGR
SGSGKSTIASLITRFYDIDEGEILMDGHDLREYTLASLRNQVALVSQNVHLFNDTVANNIAYARTEQYSREQIEEAARMA
YAMDFINKMDNGLDTVIGENGVLLSGGQRQRIAIARALLRDSPILILDEATSALDTESERAIQAALDELQKNRTSLVIAH
RLSTIEKADEIVVVEDGVIVERGTHNDLLEHRGVYAQLHKMQFGQ
;
_entity_poly.pdbx_strand_id   A,B
#
loop_
_chem_comp.id
_chem_comp.type
_chem_comp.name
_chem_comp.formula
Z5Y non-polymer '(2E)-3-{1-cyclopropyl-7-[(1S)-1-(3,6-dichloro-2-fluorophenyl)ethoxy]naphthalen-2-yl}prop-2-enoic acid' 'C24 H19 Cl2 F O3'
#
# COMPACT_ATOMS: atom_id res chain seq x y z
N SER A 31 8.22 -14.41 -23.78
CA SER A 31 6.85 -14.91 -23.93
C SER A 31 5.86 -13.75 -23.95
N THR A 32 6.06 -12.81 -24.87
CA THR A 32 5.19 -11.65 -24.99
C THR A 32 4.42 -11.62 -26.30
N TRP A 33 5.01 -12.12 -27.39
CA TRP A 33 4.36 -12.06 -28.70
C TRP A 33 3.06 -12.84 -28.72
N GLN A 34 3.05 -14.05 -28.15
CA GLN A 34 1.86 -14.89 -28.18
C GLN A 34 0.73 -14.26 -27.37
N THR A 35 1.04 -13.74 -26.18
CA THR A 35 0.00 -13.17 -25.33
C THR A 35 -0.42 -11.78 -25.81
N PHE A 36 0.40 -11.12 -26.62
CA PHE A 36 -0.07 -9.91 -27.30
C PHE A 36 -1.00 -10.27 -28.45
N ARG A 37 -0.67 -11.32 -29.21
CA ARG A 37 -1.56 -11.78 -30.27
C ARG A 37 -2.91 -12.20 -29.70
N ARG A 38 -2.90 -12.85 -28.54
CA ARG A 38 -4.15 -13.20 -27.87
C ARG A 38 -4.94 -11.96 -27.45
N LEU A 39 -4.27 -10.83 -27.23
CA LEU A 39 -4.96 -9.61 -26.83
C LEU A 39 -5.51 -8.82 -28.00
N TRP A 40 -5.12 -9.15 -29.23
CA TRP A 40 -5.59 -8.39 -30.38
C TRP A 40 -7.11 -8.31 -30.51
N PRO A 41 -7.89 -9.38 -30.28
CA PRO A 41 -9.34 -9.28 -30.53
C PRO A 41 -10.05 -8.18 -29.74
N THR A 42 -9.59 -7.86 -28.53
CA THR A 42 -10.31 -6.86 -27.75
C THR A 42 -10.19 -5.45 -28.33
N ILE A 43 -9.26 -5.23 -29.25
CA ILE A 43 -9.15 -3.95 -29.96
C ILE A 43 -9.28 -4.09 -31.46
N ALA A 44 -9.46 -5.31 -31.98
CA ALA A 44 -9.55 -5.50 -33.44
C ALA A 44 -10.66 -4.67 -34.07
N PRO A 45 -11.89 -4.62 -33.55
CA PRO A 45 -12.86 -3.67 -34.11
C PRO A 45 -12.47 -2.22 -33.89
N PHE A 46 -11.56 -1.96 -32.96
CA PHE A 46 -11.21 -0.61 -32.55
C PHE A 46 -9.92 -0.21 -33.26
N LYS A 47 -10.05 0.23 -34.50
CA LYS A 47 -8.89 0.59 -35.30
C LYS A 47 -8.98 1.97 -35.94
N ALA A 48 -10.15 2.57 -36.01
CA ALA A 48 -10.25 3.93 -36.53
C ALA A 48 -9.47 4.90 -35.66
N GLY A 49 -9.61 4.79 -34.33
CA GLY A 49 -8.82 5.62 -33.44
C GLY A 49 -7.33 5.36 -33.55
N LEU A 50 -6.95 4.09 -33.70
CA LEU A 50 -5.54 3.77 -33.89
C LEU A 50 -4.99 4.40 -35.16
N ILE A 51 -5.75 4.36 -36.25
CA ILE A 51 -5.27 4.94 -37.51
C ILE A 51 -5.19 6.46 -37.39
N VAL A 52 -6.17 7.07 -36.72
CA VAL A 52 -6.14 8.51 -36.51
C VAL A 52 -4.90 8.90 -35.72
N ALA A 53 -4.63 8.18 -34.63
CA ALA A 53 -3.44 8.47 -33.83
C ALA A 53 -2.17 8.22 -34.63
N GLY A 54 -2.16 7.18 -35.45
CA GLY A 54 -0.96 6.84 -36.19
C GLY A 54 -0.64 7.82 -37.31
N VAL A 55 -1.66 8.49 -37.84
CA VAL A 55 -1.38 9.56 -38.79
C VAL A 55 -1.06 10.86 -38.05
N ALA A 56 -1.69 11.10 -36.90
CA ALA A 56 -1.40 12.31 -36.12
C ALA A 56 0.05 12.31 -35.64
N LEU A 57 0.54 11.19 -35.16
CA LEU A 57 1.91 11.14 -34.64
C LEU A 57 2.93 11.30 -35.77
N ILE A 58 2.69 10.66 -36.91
CA ILE A 58 3.58 10.83 -38.06
C ILE A 58 3.62 12.28 -38.49
N LEU A 59 2.46 12.93 -38.57
CA LEU A 59 2.43 14.33 -38.99
C LEU A 59 3.08 15.22 -37.94
N ASN A 60 2.96 14.85 -36.67
CA ASN A 60 3.62 15.61 -35.61
C ASN A 60 5.13 15.55 -35.75
N ALA A 61 5.68 14.36 -35.98
CA ALA A 61 7.12 14.25 -36.19
C ALA A 61 7.55 14.98 -37.45
N ALA A 62 6.71 14.93 -38.50
CA ALA A 62 7.03 15.65 -39.72
C ALA A 62 7.08 17.16 -39.47
N SER A 63 6.14 17.68 -38.68
CA SER A 63 6.18 19.10 -38.33
C SER A 63 7.41 19.42 -37.50
N ASP A 64 7.78 18.53 -36.58
CA ASP A 64 8.95 18.77 -35.74
C ASP A 64 10.22 18.89 -36.59
N THR A 65 10.37 18.02 -37.59
CA THR A 65 11.53 18.11 -38.48
C THR A 65 11.42 19.33 -39.40
N PHE A 66 10.23 19.58 -39.92
CA PHE A 66 10.03 20.63 -40.91
C PHE A 66 10.23 22.01 -40.30
N MET A 67 10.07 22.12 -38.98
CA MET A 67 10.36 23.37 -38.29
C MET A 67 11.83 23.75 -38.46
N LEU A 68 12.74 22.89 -38.01
CA LEU A 68 14.16 23.14 -38.23
C LEU A 68 14.48 23.29 -39.70
N SER A 69 13.77 22.52 -40.54
CA SER A 69 13.99 22.61 -41.98
C SER A 69 13.81 24.03 -42.50
N LEU A 70 12.61 24.60 -42.33
CA LEU A 70 12.40 25.94 -42.83
C LEU A 70 12.95 27.02 -41.92
N LEU A 71 13.55 26.68 -40.78
CA LEU A 71 14.26 27.70 -40.02
C LEU A 71 15.69 27.88 -40.53
N LYS A 72 16.49 26.83 -40.47
CA LYS A 72 17.93 27.06 -40.48
C LYS A 72 18.49 27.44 -41.87
N PRO A 73 18.35 26.63 -42.92
CA PRO A 73 18.89 27.07 -44.23
C PRO A 73 18.27 28.35 -44.74
N LEU A 74 16.98 28.56 -44.50
CA LEU A 74 16.34 29.79 -44.92
C LEU A 74 16.87 30.98 -44.13
N LEU A 75 17.15 30.78 -42.84
CA LEU A 75 17.77 31.84 -42.05
C LEU A 75 19.15 32.18 -42.59
N ASP A 76 19.92 31.16 -42.99
CA ASP A 76 21.21 31.44 -43.62
C ASP A 76 21.02 32.23 -44.91
N ASP A 77 20.04 31.86 -45.72
CA ASP A 77 19.73 32.62 -46.93
C ASP A 77 19.35 34.06 -46.59
N GLY A 78 18.78 34.27 -45.40
CA GLY A 78 18.51 35.62 -44.96
C GLY A 78 19.78 36.44 -44.78
N PHE A 79 20.82 35.82 -44.23
CA PHE A 79 22.10 36.52 -44.06
C PHE A 79 22.71 36.87 -45.41
N GLY A 80 22.39 36.13 -46.46
CA GLY A 80 22.92 36.39 -47.77
C GLY A 80 22.20 37.50 -48.51
N LYS A 81 22.16 38.69 -47.91
CA LYS A 81 21.57 39.89 -48.49
C LYS A 81 20.08 39.75 -48.78
N THR A 82 19.42 38.75 -48.20
CA THR A 82 17.98 38.57 -48.31
C THR A 82 17.32 38.56 -46.94
N ASP A 83 17.73 39.46 -46.06
CA ASP A 83 17.27 39.42 -44.67
C ASP A 83 15.82 39.85 -44.56
N ARG A 84 15.45 40.96 -45.23
CA ARG A 84 14.10 41.50 -45.08
C ARG A 84 13.04 40.54 -45.59
N SER A 85 13.32 39.84 -46.70
CA SER A 85 12.31 38.99 -47.32
C SER A 85 11.89 37.84 -46.41
N VAL A 86 12.86 37.14 -45.82
CA VAL A 86 12.53 35.91 -45.11
C VAL A 86 12.42 36.17 -43.61
N LEU A 87 13.03 37.25 -43.12
CA LEU A 87 13.03 37.48 -41.68
C LEU A 87 11.65 37.86 -41.17
N VAL A 88 10.85 38.52 -42.02
CA VAL A 88 9.47 38.82 -41.64
C VAL A 88 8.58 37.63 -41.96
N TRP A 89 9.05 36.71 -42.80
CA TRP A 89 8.24 35.58 -43.21
C TRP A 89 8.32 34.45 -42.18
N MET A 90 9.44 34.35 -41.47
CA MET A 90 9.60 33.31 -40.46
C MET A 90 8.55 33.32 -39.34
N PRO A 91 8.21 34.45 -38.71
CA PRO A 91 7.35 34.39 -37.52
C PRO A 91 5.96 33.86 -37.79
N LEU A 92 5.54 33.84 -39.04
CA LEU A 92 4.25 33.24 -39.35
C LEU A 92 4.36 31.75 -39.60
N VAL A 93 5.42 31.30 -40.26
CA VAL A 93 5.63 29.86 -40.43
C VAL A 93 5.81 29.21 -39.08
N VAL A 94 6.55 29.85 -38.16
CA VAL A 94 6.77 29.28 -36.84
C VAL A 94 5.46 29.13 -36.10
N ILE A 95 4.61 30.17 -36.14
CA ILE A 95 3.34 30.14 -35.44
C ILE A 95 2.44 29.06 -36.03
N GLY A 96 2.34 28.99 -37.36
CA GLY A 96 1.52 27.97 -37.97
C GLY A 96 2.00 26.57 -37.66
N LEU A 97 3.32 26.37 -37.71
CA LEU A 97 3.88 25.05 -37.41
C LEU A 97 3.60 24.64 -35.98
N MET A 98 3.71 25.57 -35.03
CA MET A 98 3.44 25.20 -33.65
C MET A 98 1.95 24.97 -33.42
N ILE A 99 1.08 25.71 -34.09
CA ILE A 99 -0.35 25.42 -33.99
C ILE A 99 -0.62 24.02 -34.50
N LEU A 100 -0.02 23.66 -35.63
CA LEU A 100 -0.20 22.31 -36.16
C LEU A 100 0.35 21.26 -35.20
N ARG A 101 1.52 21.51 -34.63
CA ARG A 101 2.12 20.56 -33.69
C ARG A 101 1.24 20.36 -32.47
N GLY A 102 0.73 21.45 -31.89
CA GLY A 102 -0.14 21.33 -30.74
C GLY A 102 -1.44 20.63 -31.07
N ILE A 103 -2.02 20.93 -32.23
CA ILE A 103 -3.26 20.27 -32.63
C ILE A 103 -3.05 18.78 -32.78
N THR A 104 -1.96 18.38 -33.45
CA THR A 104 -1.69 16.96 -33.63
C THR A 104 -1.42 16.28 -32.29
N SER A 105 -0.68 16.95 -31.40
CA SER A 105 -0.42 16.37 -30.08
C SER A 105 -1.72 16.14 -29.31
N TYR A 106 -2.60 17.15 -29.30
CA TYR A 106 -3.86 17.01 -28.58
C TYR A 106 -4.72 15.92 -29.19
N VAL A 107 -4.80 15.87 -30.52
CA VAL A 107 -5.62 14.86 -31.18
C VAL A 107 -5.10 13.46 -30.90
N SER A 108 -3.78 13.27 -31.01
CA SER A 108 -3.20 11.95 -30.79
C SER A 108 -3.39 11.51 -29.35
N SER A 109 -3.11 12.40 -28.39
CA SER A 109 -3.28 12.03 -26.98
C SER A 109 -4.74 11.71 -26.67
N TYR A 110 -5.67 12.52 -27.17
CA TYR A 110 -7.07 12.29 -26.89
C TYR A 110 -7.56 10.98 -27.50
N CYS A 111 -7.14 10.68 -28.73
CA CYS A 111 -7.61 9.45 -29.37
C CYS A 111 -6.99 8.22 -28.72
N ILE A 112 -5.70 8.28 -28.37
CA ILE A 112 -5.07 7.16 -27.68
C ILE A 112 -5.74 6.95 -26.32
N SER A 113 -6.06 8.04 -25.62
CA SER A 113 -6.76 7.93 -24.36
C SER A 113 -8.14 7.31 -24.54
N TRP A 114 -8.84 7.70 -25.60
CA TRP A 114 -10.16 7.11 -25.87
C TRP A 114 -10.05 5.61 -26.09
N VAL A 115 -9.09 5.18 -26.91
CA VAL A 115 -8.93 3.76 -27.19
C VAL A 115 -8.55 3.01 -25.92
N SER A 116 -7.59 3.55 -25.15
CA SER A 116 -7.15 2.89 -23.92
C SER A 116 -8.28 2.80 -22.91
N GLY A 117 -9.05 3.87 -22.77
CA GLY A 117 -10.18 3.86 -21.86
C GLY A 117 -11.22 2.83 -22.24
N LYS A 118 -11.52 2.73 -23.53
CA LYS A 118 -12.54 1.77 -23.94
C LYS A 118 -12.04 0.33 -23.80
N VAL A 119 -10.76 0.08 -24.08
CA VAL A 119 -10.25 -1.28 -23.95
C VAL A 119 -10.16 -1.69 -22.49
N VAL A 120 -9.77 -0.77 -21.61
CA VAL A 120 -9.76 -1.13 -20.19
C VAL A 120 -11.17 -1.21 -19.65
N MET A 121 -12.12 -0.48 -20.24
CA MET A 121 -13.53 -0.67 -19.92
C MET A 121 -13.95 -2.10 -20.20
N THR A 122 -13.65 -2.59 -21.40
CA THR A 122 -14.00 -3.97 -21.74
C THR A 122 -13.29 -4.97 -20.83
N MET A 123 -12.00 -4.74 -20.56
CA MET A 123 -11.24 -5.68 -19.74
C MET A 123 -11.76 -5.70 -18.30
N ARG A 124 -12.02 -4.53 -17.72
CA ARG A 124 -12.59 -4.47 -16.38
C ARG A 124 -13.94 -5.16 -16.32
N ARG A 125 -14.78 -4.94 -17.33
CA ARG A 125 -16.10 -5.57 -17.35
C ARG A 125 -15.96 -7.09 -17.36
N ARG A 126 -15.11 -7.62 -18.23
CA ARG A 126 -14.95 -9.07 -18.30
C ARG A 126 -14.31 -9.64 -17.03
N LEU A 127 -13.32 -8.95 -16.47
CA LEU A 127 -12.69 -9.42 -15.24
C LEU A 127 -13.68 -9.45 -14.09
N PHE A 128 -14.49 -8.41 -13.93
CA PHE A 128 -15.48 -8.39 -12.87
C PHE A 128 -16.53 -9.48 -13.09
N GLY A 129 -16.96 -9.68 -14.33
CA GLY A 129 -17.86 -10.78 -14.62
C GLY A 129 -17.27 -12.12 -14.25
N HIS A 130 -15.97 -12.29 -14.47
CA HIS A 130 -15.33 -13.56 -14.13
C HIS A 130 -15.25 -13.76 -12.62
N MET A 131 -14.86 -12.72 -11.87
CA MET A 131 -14.77 -12.87 -10.42
C MET A 131 -16.15 -13.03 -9.78
N MET A 132 -17.20 -12.52 -10.41
CA MET A 132 -18.53 -12.70 -9.84
C MET A 132 -18.88 -14.19 -9.72
N GLY A 133 -18.62 -14.95 -10.77
CA GLY A 133 -18.89 -16.38 -10.72
C GLY A 133 -17.68 -17.24 -10.43
N MET A 134 -17.09 -17.10 -9.25
CA MET A 134 -15.92 -17.89 -8.87
C MET A 134 -15.85 -17.92 -7.36
N PRO A 135 -15.52 -19.08 -6.78
CA PRO A 135 -15.84 -19.34 -5.36
C PRO A 135 -15.29 -18.32 -4.37
N VAL A 136 -15.86 -18.36 -3.17
CA VAL A 136 -15.78 -17.32 -2.14
C VAL A 136 -14.35 -17.10 -1.64
N SER A 137 -13.56 -18.17 -1.60
CA SER A 137 -12.26 -18.12 -0.93
C SER A 137 -11.35 -17.02 -1.47
N PHE A 138 -11.54 -16.64 -2.75
CA PHE A 138 -10.81 -15.51 -3.30
C PHE A 138 -11.12 -14.22 -2.56
N PHE A 139 -12.41 -14.00 -2.26
CA PHE A 139 -12.81 -12.79 -1.56
C PHE A 139 -12.20 -12.72 -0.16
N ASP A 140 -11.88 -13.88 0.42
CA ASP A 140 -11.31 -13.88 1.76
C ASP A 140 -9.79 -13.75 1.74
N LYS A 141 -9.10 -14.56 0.95
CA LYS A 141 -7.65 -14.67 1.08
C LYS A 141 -6.92 -13.46 0.49
N GLN A 142 -7.61 -12.66 -0.32
CA GLN A 142 -7.30 -11.24 -0.47
C GLN A 142 -8.48 -10.40 -0.01
N SER A 143 -8.21 -9.42 0.84
CA SER A 143 -9.24 -8.47 1.27
C SER A 143 -9.71 -7.63 0.09
N THR A 144 -10.82 -6.91 0.29
CA THR A 144 -11.43 -6.16 -0.80
C THR A 144 -10.50 -5.05 -1.30
N GLY A 145 -9.79 -4.38 -0.40
CA GLY A 145 -8.90 -3.32 -0.84
C GLY A 145 -7.76 -3.82 -1.69
N THR A 146 -7.08 -4.87 -1.24
CA THR A 146 -5.93 -5.45 -1.95
C THR A 146 -6.37 -6.31 -3.11
N LEU A 147 -7.65 -6.22 -3.48
CA LEU A 147 -8.16 -6.86 -4.68
C LEU A 147 -8.56 -5.79 -5.68
N LEU A 148 -9.38 -4.83 -5.23
CA LEU A 148 -9.86 -3.81 -6.15
C LEU A 148 -8.77 -2.80 -6.50
N SER A 149 -7.93 -2.41 -5.54
CA SER A 149 -6.79 -1.57 -5.88
C SER A 149 -5.88 -2.29 -6.86
N ARG A 150 -5.67 -3.59 -6.64
CA ARG A 150 -4.94 -4.41 -7.60
C ARG A 150 -5.53 -4.31 -8.99
N ILE A 151 -6.84 -4.53 -9.11
CA ILE A 151 -7.47 -4.57 -10.43
C ILE A 151 -7.36 -3.22 -11.12
N THR A 152 -7.78 -2.16 -10.44
CA THR A 152 -7.79 -0.84 -11.08
C THR A 152 -6.38 -0.38 -11.42
N TYR A 153 -5.44 -0.52 -10.47
CA TYR A 153 -4.08 -0.08 -10.72
C TYR A 153 -3.44 -0.88 -11.85
N ASP A 154 -3.66 -2.20 -11.87
CA ASP A 154 -3.06 -3.02 -12.92
C ASP A 154 -3.66 -2.70 -14.29
N SER A 155 -4.97 -2.46 -14.35
CA SER A 155 -5.59 -2.12 -15.63
C SER A 155 -5.05 -0.80 -16.15
N GLU A 156 -5.03 0.24 -15.31
CA GLU A 156 -4.51 1.52 -15.78
C GLU A 156 -3.02 1.43 -16.08
N GLN A 157 -2.28 0.57 -15.35
CA GLN A 157 -0.86 0.41 -15.59
C GLN A 157 -0.59 -0.22 -16.95
N VAL A 158 -1.30 -1.30 -17.28
CA VAL A 158 -1.08 -1.95 -18.56
C VAL A 158 -1.53 -1.03 -19.69
N ALA A 159 -2.64 -0.30 -19.50
CA ALA A 159 -3.07 0.64 -20.51
C ALA A 159 -2.00 1.70 -20.76
N SER A 160 -1.52 2.33 -19.69
CA SER A 160 -0.52 3.38 -19.84
C SER A 160 0.76 2.85 -20.45
N SER A 161 1.22 1.68 -20.01
CA SER A 161 2.47 1.14 -20.53
C SER A 161 2.36 0.82 -22.00
N SER A 162 1.30 0.12 -22.41
CA SER A 162 1.15 -0.23 -23.82
C SER A 162 0.97 1.00 -24.69
N SER A 163 0.15 1.95 -24.23
CA SER A 163 -0.07 3.16 -25.01
C SER A 163 1.20 3.98 -25.14
N GLY A 164 1.96 4.11 -24.05
CA GLY A 164 3.20 4.84 -24.10
C GLY A 164 4.22 4.18 -25.01
N ALA A 165 4.32 2.86 -24.93
CA ALA A 165 5.23 2.14 -25.82
C ALA A 165 4.85 2.37 -27.28
N LEU A 166 3.56 2.23 -27.60
CA LEU A 166 3.13 2.41 -28.98
C LEU A 166 3.41 3.82 -29.47
N ILE A 167 3.00 4.84 -28.69
CA ILE A 167 3.15 6.21 -29.16
C ILE A 167 4.62 6.57 -29.27
N THR A 168 5.44 6.14 -28.31
CA THR A 168 6.86 6.48 -28.37
C THR A 168 7.52 5.80 -29.56
N VAL A 169 7.25 4.51 -29.77
CA VAL A 169 7.84 3.82 -30.93
C VAL A 169 7.45 4.53 -32.22
N VAL A 170 6.16 4.77 -32.42
CA VAL A 170 5.72 5.33 -33.70
C VAL A 170 6.27 6.73 -33.89
N ARG A 171 6.07 7.62 -32.90
CA ARG A 171 6.48 9.01 -33.04
C ARG A 171 7.99 9.14 -33.17
N GLU A 172 8.73 8.44 -32.31
CA GLU A 172 10.16 8.65 -32.27
C GLU A 172 10.85 7.97 -33.45
N GLY A 173 10.29 6.85 -33.93
CA GLY A 173 10.78 6.27 -35.16
C GLY A 173 10.53 7.18 -36.35
N ALA A 174 9.36 7.82 -36.40
CA ALA A 174 9.10 8.78 -37.46
C ALA A 174 10.09 9.94 -37.38
N SER A 175 10.38 10.40 -36.16
CA SER A 175 11.35 11.48 -36.01
C SER A 175 12.73 11.06 -36.47
N ILE A 176 13.16 9.85 -36.11
CA ILE A 176 14.47 9.37 -36.54
C ILE A 176 14.53 9.27 -38.06
N ILE A 177 13.48 8.71 -38.67
CA ILE A 177 13.45 8.58 -40.11
C ILE A 177 13.53 9.94 -40.79
N GLY A 178 12.74 10.91 -40.29
CA GLY A 178 12.74 12.22 -40.91
C GLY A 178 14.05 12.95 -40.77
N LEU A 179 14.66 12.87 -39.58
CA LEU A 179 15.93 13.56 -39.39
C LEU A 179 17.05 12.91 -40.18
N PHE A 180 17.04 11.58 -40.31
CA PHE A 180 18.02 10.95 -41.20
C PHE A 180 17.76 11.30 -42.66
N ILE A 181 16.50 11.45 -43.05
CA ILE A 181 16.20 11.86 -44.42
C ILE A 181 16.78 13.24 -44.69
N MET A 182 16.58 14.17 -43.76
CA MET A 182 17.18 15.49 -43.91
C MET A 182 18.70 15.42 -43.90
N MET A 183 19.28 14.60 -43.02
CA MET A 183 20.73 14.51 -42.92
C MET A 183 21.33 14.00 -44.23
N PHE A 184 20.73 12.98 -44.83
CA PHE A 184 21.22 12.49 -46.10
C PHE A 184 20.97 13.49 -47.22
N TYR A 185 19.86 14.23 -47.16
CA TYR A 185 19.59 15.26 -48.15
C TYR A 185 20.59 16.41 -48.06
N TYR A 186 21.18 16.63 -46.89
CA TYR A 186 22.17 17.70 -46.68
C TYR A 186 23.52 17.08 -46.35
N SER A 187 24.37 16.94 -47.35
CA SER A 187 25.77 16.52 -47.16
C SER A 187 25.85 15.15 -46.46
N TRP A 188 25.42 14.13 -47.21
CA TRP A 188 25.40 12.75 -46.73
C TRP A 188 26.72 12.30 -46.11
N GLN A 189 27.82 13.01 -46.34
CA GLN A 189 29.11 12.59 -45.78
C GLN A 189 29.03 12.43 -44.27
N LEU A 190 28.56 13.48 -43.57
CA LEU A 190 28.45 13.40 -42.12
C LEU A 190 27.44 12.35 -41.71
N SER A 191 26.39 12.15 -42.51
CA SER A 191 25.42 11.10 -42.22
C SER A 191 26.10 9.73 -42.19
N ILE A 192 26.92 9.42 -43.20
CA ILE A 192 27.58 8.13 -43.22
C ILE A 192 28.64 8.05 -42.13
N ILE A 193 29.34 9.16 -41.85
CA ILE A 193 30.34 9.17 -40.77
C ILE A 193 29.73 8.87 -39.42
N LEU A 194 28.53 9.35 -39.14
CA LEU A 194 27.84 8.99 -37.90
C LEU A 194 27.19 7.62 -37.95
N ILE A 195 26.68 7.19 -39.10
CA ILE A 195 26.00 5.90 -39.15
C ILE A 195 27.00 4.75 -38.99
N VAL A 196 28.23 4.95 -39.46
CA VAL A 196 29.25 3.92 -39.23
C VAL A 196 29.65 3.88 -37.76
N LEU A 197 29.61 5.03 -37.07
CA LEU A 197 29.92 5.06 -35.65
C LEU A 197 28.77 4.57 -34.78
N ALA A 198 27.55 4.56 -35.30
CA ALA A 198 26.41 4.14 -34.50
C ALA A 198 26.57 2.74 -33.90
N PRO A 199 26.98 1.70 -34.63
CA PRO A 199 27.20 0.41 -33.97
C PRO A 199 28.28 0.45 -32.90
N ILE A 200 29.30 1.27 -33.08
CA ILE A 200 30.37 1.37 -32.09
C ILE A 200 29.84 1.98 -30.80
N VAL A 201 29.07 3.06 -30.92
CA VAL A 201 28.54 3.73 -29.74
C VAL A 201 27.46 2.88 -29.06
N SER A 202 26.63 2.21 -29.85
CA SER A 202 25.50 1.48 -29.30
C SER A 202 25.90 0.26 -28.48
N ILE A 203 27.03 -0.38 -28.80
CA ILE A 203 27.48 -1.49 -27.98
C ILE A 203 28.15 -0.99 -26.70
N ALA A 204 28.85 0.13 -26.78
CA ALA A 204 29.43 0.72 -25.57
C ALA A 204 28.33 1.13 -24.60
N ILE A 205 27.27 1.76 -25.12
CA ILE A 205 26.16 2.14 -24.25
C ILE A 205 25.51 0.91 -23.64
N ARG A 206 25.36 -0.15 -24.43
CA ARG A 206 24.75 -1.37 -23.91
C ARG A 206 25.57 -2.00 -22.80
N VAL A 207 26.89 -2.06 -22.96
CA VAL A 207 27.71 -2.66 -21.92
C VAL A 207 27.76 -1.76 -20.68
N VAL A 208 27.81 -0.44 -20.87
CA VAL A 208 27.83 0.47 -19.73
C VAL A 208 26.53 0.38 -18.93
N SER A 209 25.39 0.33 -19.62
CA SER A 209 24.12 0.23 -18.91
C SER A 209 24.03 -1.08 -18.15
N LYS A 210 24.50 -2.17 -18.74
CA LYS A 210 24.50 -3.46 -18.05
C LYS A 210 25.38 -3.44 -16.81
N ARG A 211 26.56 -2.80 -16.91
CA ARG A 211 27.49 -2.82 -15.79
C ARG A 211 26.90 -2.16 -14.56
N PHE A 212 26.07 -1.13 -14.74
CA PHE A 212 25.47 -0.42 -13.62
C PHE A 212 24.04 -0.84 -13.33
N ARG A 213 23.59 -1.96 -13.88
CA ARG A 213 22.30 -2.54 -13.52
C ARG A 213 22.53 -3.42 -12.31
N ASN A 214 22.38 -2.85 -11.12
CA ASN A 214 22.68 -3.55 -9.88
C ASN A 214 21.63 -4.61 -9.58
N ILE A 215 21.99 -5.54 -8.71
CA ILE A 215 21.13 -6.65 -8.32
C ILE A 215 20.59 -6.37 -6.92
N SER A 216 19.29 -6.57 -6.74
CA SER A 216 18.65 -6.35 -5.44
C SER A 216 18.43 -7.69 -4.74
N LYS A 217 19.47 -8.10 -4.00
CA LYS A 217 19.47 -9.40 -3.36
C LYS A 217 19.74 -9.35 -1.86
N ASN A 218 20.51 -8.36 -1.37
CA ASN A 218 20.93 -8.35 0.02
C ASN A 218 20.36 -7.21 0.85
N MET A 219 20.02 -6.07 0.24
CA MET A 219 19.48 -4.96 1.01
C MET A 219 18.11 -5.28 1.60
N GLN A 220 17.43 -6.30 1.08
CA GLN A 220 16.18 -6.75 1.72
C GLN A 220 16.44 -7.28 3.13
N ASN A 221 17.63 -7.82 3.37
CA ASN A 221 17.96 -8.31 4.71
C ASN A 221 17.92 -7.18 5.73
N THR A 222 18.48 -6.01 5.37
CA THR A 222 18.37 -4.84 6.23
C THR A 222 16.93 -4.35 6.32
N MET A 223 16.22 -4.39 5.18
CA MET A 223 14.82 -3.95 5.15
C MET A 223 13.96 -4.79 6.09
N GLY A 224 14.19 -6.10 6.12
CA GLY A 224 13.45 -6.94 7.05
C GLY A 224 14.00 -6.86 8.46
N GLN A 225 15.30 -6.58 8.59
CA GLN A 225 15.91 -6.52 9.91
C GLN A 225 15.39 -5.33 10.71
N VAL A 226 15.23 -4.17 10.05
CA VAL A 226 14.69 -3.01 10.74
C VAL A 226 13.25 -3.26 11.19
N THR A 227 12.47 -3.93 10.33
CA THR A 227 11.10 -4.27 10.71
C THR A 227 11.07 -5.23 11.89
N THR A 228 11.96 -6.23 11.88
CA THR A 228 12.04 -7.17 13.00
C THR A 228 12.41 -6.45 14.28
N SER A 229 13.37 -5.51 14.21
CA SER A 229 13.76 -4.76 15.39
C SER A 229 12.60 -3.91 15.91
N ALA A 230 11.83 -3.32 14.99
CA ALA A 230 10.70 -2.50 15.42
C ALA A 230 9.62 -3.35 16.08
N GLU A 231 9.25 -4.47 15.45
CA GLU A 231 8.15 -5.27 15.98
C GLU A 231 8.57 -6.08 17.19
N GLN A 232 9.87 -6.27 17.40
CA GLN A 232 10.34 -7.06 18.53
C GLN A 232 9.93 -6.42 19.85
N MET A 233 10.09 -5.10 19.96
CA MET A 233 9.75 -4.39 21.19
C MET A 233 8.53 -3.50 21.03
N LEU A 234 7.83 -3.58 19.89
CA LEU A 234 6.61 -2.79 19.72
C LEU A 234 5.52 -3.26 20.67
N LYS A 235 5.06 -4.49 20.47
CA LYS A 235 4.26 -5.17 21.48
C LYS A 235 5.13 -5.81 22.55
N GLY A 236 6.44 -5.88 22.31
CA GLY A 236 7.38 -6.42 23.27
C GLY A 236 8.11 -5.34 24.03
N HIS A 237 7.43 -4.22 24.29
CA HIS A 237 7.99 -3.24 25.20
C HIS A 237 8.13 -3.83 26.60
N LYS A 238 7.16 -4.64 27.02
CA LYS A 238 7.34 -5.44 28.23
C LYS A 238 8.45 -6.46 28.05
N GLU A 239 8.61 -6.99 26.82
CA GLU A 239 9.78 -7.80 26.49
C GLU A 239 11.04 -6.96 26.39
N VAL A 240 10.92 -5.71 25.91
CA VAL A 240 12.01 -4.76 26.09
C VAL A 240 12.20 -4.45 27.57
N LEU A 241 11.09 -4.37 28.31
CA LEU A 241 11.18 -4.25 29.76
C LEU A 241 11.62 -5.54 30.43
N ILE A 242 11.39 -6.70 29.78
CA ILE A 242 11.95 -7.95 30.28
C ILE A 242 13.48 -7.86 30.25
N PHE A 243 14.03 -7.33 29.16
CA PHE A 243 15.42 -6.89 29.18
C PHE A 243 15.59 -5.75 30.17
N GLY A 244 14.69 -4.78 30.15
CA GLY A 244 14.73 -3.67 31.07
C GLY A 244 15.46 -2.44 30.60
N GLY A 245 15.96 -2.42 29.37
CA GLY A 245 16.70 -1.29 28.86
C GLY A 245 16.38 -1.02 27.41
N GLN A 246 16.64 0.23 27.00
CA GLN A 246 16.47 0.65 25.63
C GLN A 246 17.77 1.03 24.93
N GLU A 247 18.88 1.09 25.66
CA GLU A 247 20.16 1.46 25.04
C GLU A 247 20.59 0.44 23.99
N VAL A 248 20.41 -0.85 24.27
CA VAL A 248 20.78 -1.88 23.32
C VAL A 248 20.01 -1.71 22.02
N GLU A 249 18.71 -1.43 22.13
CA GLU A 249 17.90 -1.21 20.93
C GLU A 249 18.38 0.00 20.15
N THR A 250 18.75 1.08 20.84
CA THR A 250 19.25 2.26 20.14
C THR A 250 20.54 1.96 19.42
N LYS A 251 21.46 1.22 20.05
CA LYS A 251 22.71 0.87 19.38
C LYS A 251 22.45 -0.02 18.16
N ARG A 252 21.56 -1.01 18.29
CA ARG A 252 21.26 -1.88 17.17
C ARG A 252 20.66 -1.09 16.01
N PHE A 253 19.74 -0.18 16.32
CA PHE A 253 19.15 0.64 15.26
C PHE A 253 20.19 1.56 14.65
N ASP A 254 21.12 2.06 15.46
CA ASP A 254 22.23 2.85 14.93
C ASP A 254 22.99 2.07 13.87
N LYS A 255 23.36 0.82 14.19
CA LYS A 255 24.12 0.01 13.26
C LYS A 255 23.32 -0.26 11.97
N VAL A 256 22.06 -0.68 12.14
CA VAL A 256 21.28 -1.07 10.96
C VAL A 256 20.96 0.14 10.09
N SER A 257 20.69 1.29 10.70
CA SER A 257 20.43 2.49 9.94
C SER A 257 21.67 2.98 9.22
N ASN A 258 22.84 2.87 9.85
CA ASN A 258 24.08 3.17 9.15
C ASN A 258 24.23 2.28 7.92
N ARG A 259 23.95 0.98 8.07
CA ARG A 259 24.09 0.07 6.95
C ARG A 259 23.14 0.43 5.81
N MET A 260 21.87 0.70 6.12
CA MET A 260 20.91 1.00 5.05
C MET A 260 21.21 2.33 4.39
N ARG A 261 21.70 3.31 5.18
CA ARG A 261 22.13 4.57 4.59
C ARG A 261 23.29 4.35 3.63
N LEU A 262 24.24 3.48 4.00
CA LEU A 262 25.35 3.17 3.09
C LEU A 262 24.84 2.52 1.81
N GLN A 263 23.87 1.61 1.92
CA GLN A 263 23.34 0.96 0.73
C GLN A 263 22.66 1.97 -0.20
N GLY A 264 21.85 2.87 0.37
CA GLY A 264 21.23 3.91 -0.45
C GLY A 264 22.26 4.84 -1.07
N MET A 265 23.31 5.18 -0.31
CA MET A 265 24.42 5.94 -0.84
C MET A 265 25.01 5.27 -2.07
N LYS A 266 25.26 3.96 -1.98
CA LYS A 266 25.86 3.24 -3.10
C LYS A 266 24.94 3.24 -4.31
N MET A 267 23.64 3.06 -4.08
CA MET A 267 22.71 3.05 -5.22
C MET A 267 22.68 4.40 -5.92
N VAL A 268 22.61 5.49 -5.14
CA VAL A 268 22.61 6.83 -5.73
C VAL A 268 23.90 7.08 -6.48
N SER A 269 25.03 6.67 -5.91
CA SER A 269 26.31 6.83 -6.59
C SER A 269 26.35 6.04 -7.89
N ALA A 270 25.78 4.84 -7.89
CA ALA A 270 25.74 4.04 -9.11
C ALA A 270 24.97 4.75 -10.22
N SER A 271 23.79 5.30 -9.89
CA SER A 271 23.03 6.03 -10.89
C SER A 271 23.79 7.27 -11.39
N SER A 272 24.43 7.98 -10.45
CA SER A 272 25.06 9.25 -10.79
C SER A 272 26.38 9.06 -11.51
N ILE A 273 26.92 7.84 -11.48
CA ILE A 273 28.08 7.56 -12.33
C ILE A 273 27.62 6.95 -13.64
N SER A 274 26.44 6.33 -13.63
CA SER A 274 25.91 5.78 -14.88
C SER A 274 25.62 6.87 -15.90
N ASP A 275 24.86 7.90 -15.50
CA ASP A 275 24.37 8.86 -16.49
C ASP A 275 25.50 9.62 -17.20
N PRO A 276 26.46 10.24 -16.51
CA PRO A 276 27.46 11.05 -17.22
C PRO A 276 28.34 10.26 -18.17
N ILE A 277 28.52 8.95 -17.94
CA ILE A 277 29.33 8.17 -18.87
C ILE A 277 28.67 8.11 -20.25
N ILE A 278 27.36 7.84 -20.29
CA ILE A 278 26.65 7.88 -21.56
C ILE A 278 26.65 9.28 -22.15
N GLN A 279 26.44 10.31 -21.33
CA GLN A 279 26.54 11.66 -21.90
C GLN A 279 27.89 11.91 -22.54
N LEU A 280 28.97 11.47 -21.88
CA LEU A 280 30.32 11.75 -22.36
C LEU A 280 30.62 10.96 -23.63
N ILE A 281 30.14 9.71 -23.70
CA ILE A 281 30.31 8.93 -24.93
C ILE A 281 29.57 9.59 -26.09
N ALA A 282 28.36 10.09 -25.82
CA ALA A 282 27.64 10.82 -26.85
C ALA A 282 28.45 12.03 -27.32
N SER A 283 29.09 12.74 -26.40
CA SER A 283 29.86 13.90 -26.80
C SER A 283 31.13 13.50 -27.56
N LEU A 284 31.74 12.36 -27.22
CA LEU A 284 32.83 11.84 -28.05
C LEU A 284 32.35 11.60 -29.47
N ALA A 285 31.17 10.99 -29.62
CA ALA A 285 30.65 10.74 -30.95
C ALA A 285 30.45 12.05 -31.72
N LEU A 286 29.81 13.04 -31.08
CA LEU A 286 29.58 14.32 -31.75
C LEU A 286 30.90 15.01 -32.08
N ALA A 287 31.87 14.95 -31.19
CA ALA A 287 33.16 15.60 -31.43
C ALA A 287 33.89 14.93 -32.59
N PHE A 288 33.79 13.61 -32.69
CA PHE A 288 34.40 12.89 -33.80
C PHE A 288 33.72 13.28 -35.10
N VAL A 289 32.40 13.44 -35.09
CA VAL A 289 31.69 13.90 -36.28
C VAL A 289 32.17 15.28 -36.69
N LEU A 290 32.34 16.18 -35.71
CA LEU A 290 32.80 17.53 -36.01
C LEU A 290 34.22 17.51 -36.57
N TYR A 291 35.09 16.67 -36.01
CA TYR A 291 36.46 16.59 -36.52
C TYR A 291 36.50 15.98 -37.90
N ALA A 292 35.59 15.05 -38.20
CA ALA A 292 35.46 14.54 -39.56
C ALA A 292 35.02 15.67 -40.50
N ALA A 293 34.12 16.53 -40.03
CA ALA A 293 33.76 17.72 -40.79
C ALA A 293 34.96 18.65 -40.96
N SER A 294 35.92 18.59 -40.05
CA SER A 294 37.11 19.42 -40.17
C SER A 294 37.95 19.04 -41.38
N PHE A 295 37.80 17.83 -41.89
CA PHE A 295 38.53 17.44 -43.08
C PHE A 295 38.08 18.30 -44.26
N PRO A 296 38.99 18.74 -45.12
CA PRO A 296 38.59 19.60 -46.25
C PRO A 296 37.80 18.86 -47.31
N SER A 297 37.51 19.55 -48.42
CA SER A 297 36.77 19.07 -49.58
C SER A 297 35.28 18.90 -49.31
N VAL A 298 34.81 19.16 -48.09
CA VAL A 298 33.38 19.12 -47.79
C VAL A 298 32.84 20.44 -47.29
N MET A 299 33.67 21.38 -46.83
CA MET A 299 33.21 22.75 -46.61
C MET A 299 32.88 23.47 -47.91
N ASP A 300 33.34 22.96 -49.05
CA ASP A 300 32.99 23.57 -50.32
C ASP A 300 31.50 23.49 -50.58
N SER A 301 30.88 22.36 -50.24
CA SER A 301 29.44 22.19 -50.37
C SER A 301 28.68 22.45 -49.07
N LEU A 302 29.37 22.85 -48.00
CA LEU A 302 28.76 23.09 -46.70
C LEU A 302 28.87 24.56 -46.35
N THR A 303 27.75 25.27 -46.36
CA THR A 303 27.69 26.64 -45.90
C THR A 303 27.35 26.67 -44.41
N ALA A 304 27.27 27.89 -43.86
CA ALA A 304 27.02 28.03 -42.42
C ALA A 304 25.67 27.45 -42.03
N GLY A 305 24.63 27.74 -42.81
CA GLY A 305 23.32 27.21 -42.48
C GLY A 305 23.25 25.70 -42.60
N THR A 306 23.98 25.13 -43.56
CA THR A 306 23.96 23.68 -43.73
C THR A 306 24.56 22.96 -42.53
N ILE A 307 25.74 23.39 -42.09
CA ILE A 307 26.33 22.76 -40.91
C ILE A 307 25.49 23.06 -39.68
N THR A 308 24.90 24.25 -39.62
CA THR A 308 24.04 24.59 -38.49
C THR A 308 22.86 23.63 -38.38
N VAL A 309 22.15 23.40 -39.48
CA VAL A 309 20.99 22.52 -39.44
C VAL A 309 21.43 21.07 -39.23
N VAL A 310 22.57 20.67 -39.79
CA VAL A 310 23.06 19.31 -39.59
C VAL A 310 23.31 19.06 -38.11
N PHE A 311 24.05 19.95 -37.46
CA PHE A 311 24.34 19.76 -36.03
C PHE A 311 23.09 19.91 -35.18
N SER A 312 22.16 20.77 -35.59
CA SER A 312 20.89 20.87 -34.87
C SER A 312 20.15 19.55 -34.92
N SER A 313 20.12 18.91 -36.08
CA SER A 313 19.49 17.60 -36.21
C SER A 313 20.20 16.56 -35.36
N MET A 314 21.54 16.56 -35.37
CA MET A 314 22.28 15.60 -34.56
C MET A 314 21.96 15.77 -33.09
N ILE A 315 21.91 17.01 -32.60
CA ILE A 315 21.57 17.25 -31.20
C ILE A 315 20.14 16.82 -30.92
N ALA A 316 19.22 17.15 -31.83
CA ALA A 316 17.80 16.84 -31.60
C ALA A 316 17.57 15.35 -31.52
N LEU A 317 18.38 14.55 -32.22
CA LEU A 317 18.18 13.10 -32.17
C LEU A 317 18.52 12.49 -30.83
N MET A 318 19.21 13.22 -29.95
CA MET A 318 19.74 12.61 -28.74
C MET A 318 18.64 11.97 -27.89
N ARG A 319 17.59 12.72 -27.58
CA ARG A 319 16.49 12.19 -26.76
C ARG A 319 15.71 11.08 -27.47
N PRO A 320 15.41 11.19 -28.77
CA PRO A 320 14.72 10.09 -29.45
C PRO A 320 15.34 8.72 -29.24
N LEU A 321 16.64 8.54 -29.53
CA LEU A 321 17.20 7.20 -29.39
C LEU A 321 17.22 6.74 -27.94
N LYS A 322 17.40 7.66 -26.99
CA LYS A 322 17.32 7.28 -25.58
C LYS A 322 15.95 6.71 -25.26
N SER A 323 14.88 7.41 -25.65
CA SER A 323 13.54 6.90 -25.40
C SER A 323 13.30 5.60 -26.13
N LEU A 324 13.74 5.51 -27.39
CA LEU A 324 13.49 4.32 -28.18
C LEU A 324 14.19 3.09 -27.59
N THR A 325 15.37 3.28 -27.01
CA THR A 325 16.08 2.21 -26.35
C THR A 325 15.52 1.91 -24.97
N ASN A 326 14.87 2.87 -24.31
CA ASN A 326 14.39 2.64 -22.97
C ASN A 326 12.99 2.01 -22.94
N VAL A 327 12.19 2.23 -23.99
CA VAL A 327 10.80 1.77 -23.96
C VAL A 327 10.66 0.26 -23.89
N ASN A 328 11.72 -0.48 -24.19
CA ASN A 328 11.64 -1.93 -24.08
C ASN A 328 11.35 -2.35 -22.63
N ALA A 329 12.03 -1.70 -21.68
CA ALA A 329 11.82 -2.01 -20.27
C ALA A 329 10.40 -1.70 -19.84
N GLN A 330 9.86 -0.55 -20.24
CA GLN A 330 8.49 -0.20 -19.87
C GLN A 330 7.48 -1.12 -20.52
N PHE A 331 7.70 -1.53 -21.77
CA PHE A 331 6.81 -2.46 -22.43
C PHE A 331 6.79 -3.79 -21.68
N GLN A 332 7.98 -4.28 -21.29
CA GLN A 332 8.05 -5.53 -20.54
C GLN A 332 7.37 -5.39 -19.18
N ARG A 333 7.57 -4.27 -18.50
CA ARG A 333 6.99 -4.09 -17.18
C ARG A 333 5.47 -4.07 -17.25
N GLY A 334 4.91 -3.37 -18.24
CA GLY A 334 3.47 -3.38 -18.42
C GLY A 334 2.95 -4.74 -18.83
N MET A 335 3.69 -5.45 -19.68
CA MET A 335 3.17 -6.69 -20.23
C MET A 335 3.22 -7.80 -19.19
N ALA A 336 4.14 -7.69 -18.23
CA ALA A 336 4.13 -8.64 -17.11
C ALA A 336 2.87 -8.47 -16.27
N ALA A 337 2.47 -7.23 -16.01
CA ALA A 337 1.21 -6.99 -15.30
C ALA A 337 0.03 -7.50 -16.12
N CYS A 338 0.09 -7.35 -17.44
CA CYS A 338 -0.97 -7.90 -18.28
C CYS A 338 -1.02 -9.43 -18.16
N GLN A 339 0.15 -10.08 -18.13
CA GLN A 339 0.20 -11.53 -18.02
C GLN A 339 -0.37 -11.99 -16.68
N THR A 340 -0.01 -11.30 -15.59
CA THR A 340 -0.55 -11.71 -14.30
C THR A 340 -2.04 -11.43 -14.20
N LEU A 341 -2.53 -10.39 -14.86
CA LEU A 341 -3.98 -10.17 -14.93
C LEU A 341 -4.65 -11.31 -15.69
N PHE A 342 -4.03 -11.79 -16.77
CA PHE A 342 -4.55 -12.95 -17.47
C PHE A 342 -4.58 -14.18 -16.56
N THR A 343 -3.53 -14.39 -15.78
CA THR A 343 -3.51 -15.52 -14.85
C THR A 343 -4.63 -15.42 -13.83
N ILE A 344 -4.86 -14.22 -13.29
CA ILE A 344 -5.96 -14.03 -12.34
C ILE A 344 -7.29 -14.32 -13.01
N LEU A 345 -7.47 -13.85 -14.24
CA LEU A 345 -8.70 -14.11 -14.98
C LEU A 345 -8.88 -15.58 -15.32
N ASP A 346 -7.80 -16.36 -15.36
CA ASP A 346 -7.84 -17.75 -15.79
C ASP A 346 -8.04 -18.70 -14.61
N SER A 347 -7.59 -18.32 -13.41
CA SER A 347 -7.48 -19.26 -12.30
C SER A 347 -8.84 -19.82 -11.89
N GLU A 348 -9.06 -21.09 -12.25
CA GLU A 348 -10.18 -21.92 -11.80
C GLU A 348 -11.50 -21.21 -12.13
N GLN A 349 -12.61 -21.53 -11.46
CA GLN A 349 -13.93 -20.96 -11.71
C GLN A 349 -14.92 -21.51 -10.71
N GLU A 350 -16.18 -21.08 -10.78
CA GLU A 350 -17.25 -21.66 -9.98
C GLU A 350 -17.78 -22.89 -10.73
N LYS A 351 -17.03 -23.99 -10.61
CA LYS A 351 -17.34 -25.20 -11.36
C LYS A 351 -18.63 -25.82 -10.84
N ASP A 352 -19.55 -26.13 -11.76
CA ASP A 352 -20.80 -26.79 -11.42
C ASP A 352 -20.68 -28.26 -11.82
N GLU A 353 -20.07 -29.05 -10.93
CA GLU A 353 -19.83 -30.46 -11.23
C GLU A 353 -21.11 -31.28 -11.13
N GLY A 354 -22.17 -30.72 -10.54
CA GLY A 354 -23.40 -31.45 -10.35
C GLY A 354 -24.15 -31.75 -11.63
N LYS A 355 -24.65 -30.70 -12.29
CA LYS A 355 -25.43 -30.83 -13.52
C LYS A 355 -26.66 -31.72 -13.31
N ARG A 356 -27.27 -31.60 -12.13
CA ARG A 356 -28.47 -32.35 -11.74
C ARG A 356 -29.47 -31.40 -11.09
N VAL A 357 -29.74 -30.28 -11.77
CA VAL A 357 -30.58 -29.21 -11.25
C VAL A 357 -31.93 -29.73 -10.77
N ILE A 358 -32.25 -29.46 -9.50
CA ILE A 358 -33.55 -29.82 -8.94
C ILE A 358 -34.18 -28.56 -8.35
N GLU A 359 -35.01 -27.89 -9.14
CA GLU A 359 -35.63 -26.66 -8.70
C GLU A 359 -36.74 -26.93 -7.69
N ARG A 360 -37.01 -25.93 -6.85
CA ARG A 360 -38.07 -25.99 -5.83
C ARG A 360 -37.85 -27.17 -4.89
N ALA A 361 -36.73 -27.11 -4.16
CA ALA A 361 -36.40 -28.17 -3.21
C ALA A 361 -37.40 -28.21 -2.06
N THR A 362 -37.72 -29.42 -1.63
CA THR A 362 -38.67 -29.58 -0.51
C THR A 362 -38.09 -29.00 0.78
N GLY A 363 -36.82 -29.22 1.04
CA GLY A 363 -36.19 -28.71 2.24
C GLY A 363 -35.82 -29.78 3.24
N ASP A 364 -35.41 -30.95 2.74
CA ASP A 364 -34.96 -32.05 3.61
C ASP A 364 -33.52 -31.79 4.00
N VAL A 365 -33.33 -31.11 5.12
CA VAL A 365 -32.01 -30.70 5.57
C VAL A 365 -31.47 -31.74 6.56
N GLU A 366 -30.32 -32.32 6.22
CA GLU A 366 -29.67 -33.30 7.10
C GLU A 366 -28.19 -33.34 6.74
N PHE A 367 -27.35 -32.78 7.62
CA PHE A 367 -25.91 -32.77 7.39
C PHE A 367 -25.28 -34.00 8.05
N ARG A 368 -24.34 -34.61 7.33
CA ARG A 368 -23.68 -35.82 7.81
C ARG A 368 -22.26 -35.87 7.30
N ASN A 369 -21.34 -36.36 8.14
CA ASN A 369 -19.93 -36.54 7.77
C ASN A 369 -19.31 -35.23 7.30
N VAL A 370 -19.57 -34.16 8.04
CA VAL A 370 -19.05 -32.85 7.69
C VAL A 370 -17.60 -32.75 8.15
N THR A 371 -16.70 -32.52 7.19
CA THR A 371 -15.28 -32.34 7.49
C THR A 371 -14.70 -31.32 6.53
N PHE A 372 -14.27 -30.18 7.07
CA PHE A 372 -13.72 -29.11 6.26
C PHE A 372 -12.78 -28.28 7.12
N THR A 373 -11.78 -27.68 6.48
CA THR A 373 -10.80 -26.85 7.16
C THR A 373 -10.47 -25.64 6.30
N TYR A 374 -10.01 -24.57 6.96
CA TYR A 374 -9.54 -23.40 6.23
C TYR A 374 -8.22 -23.72 5.54
N PRO A 375 -7.89 -22.99 4.48
CA PRO A 375 -6.62 -23.25 3.78
C PRO A 375 -5.42 -23.04 4.69
N GLY A 376 -4.42 -23.89 4.51
CA GLY A 376 -3.19 -23.79 5.29
C GLY A 376 -3.24 -24.56 6.59
N ARG A 377 -4.37 -24.49 7.30
CA ARG A 377 -4.50 -25.18 8.57
C ARG A 377 -4.64 -26.69 8.36
N ASP A 378 -4.27 -27.43 9.41
CA ASP A 378 -4.35 -28.88 9.38
C ASP A 378 -5.40 -29.44 10.34
N VAL A 379 -6.08 -28.59 11.10
CA VAL A 379 -7.12 -29.01 12.04
C VAL A 379 -8.48 -28.71 11.40
N PRO A 380 -9.26 -29.73 11.07
CA PRO A 380 -10.56 -29.47 10.44
C PRO A 380 -11.51 -28.73 11.38
N ALA A 381 -12.35 -27.88 10.79
CA ALA A 381 -13.35 -27.17 11.57
C ALA A 381 -14.36 -28.12 12.19
N LEU A 382 -14.79 -29.13 11.43
CA LEU A 382 -15.71 -30.15 11.90
C LEU A 382 -15.18 -31.52 11.53
N ARG A 383 -15.55 -32.52 12.33
CA ARG A 383 -15.10 -33.89 12.10
C ARG A 383 -16.28 -34.84 12.28
N ASN A 384 -16.72 -35.44 11.18
CA ASN A 384 -17.81 -36.43 11.19
C ASN A 384 -19.07 -35.87 11.86
N ILE A 385 -19.39 -34.62 11.55
CA ILE A 385 -20.56 -33.96 12.13
C ILE A 385 -21.81 -34.51 11.46
N ASN A 386 -22.77 -34.96 12.27
CA ASN A 386 -24.04 -35.48 11.78
C ASN A 386 -25.18 -34.74 12.45
N LEU A 387 -26.13 -34.25 11.64
CA LEU A 387 -27.26 -33.52 12.17
C LEU A 387 -28.44 -33.67 11.21
N LYS A 388 -29.63 -33.43 11.74
CA LYS A 388 -30.86 -33.52 10.97
C LYS A 388 -31.75 -32.33 11.27
N ILE A 389 -32.31 -31.72 10.22
CA ILE A 389 -33.22 -30.60 10.36
C ILE A 389 -34.48 -30.89 9.54
N PRO A 390 -35.37 -31.75 10.02
CA PRO A 390 -36.55 -32.10 9.23
C PRO A 390 -37.48 -30.91 9.02
N ALA A 391 -38.17 -30.92 7.88
CA ALA A 391 -39.13 -29.87 7.58
C ALA A 391 -40.32 -29.94 8.53
N GLY A 392 -40.90 -28.78 8.80
CA GLY A 392 -42.00 -28.66 9.72
C GLY A 392 -41.62 -28.60 11.18
N LYS A 393 -40.33 -28.59 11.49
CA LYS A 393 -39.85 -28.54 12.87
C LYS A 393 -38.83 -27.40 13.00
N THR A 394 -38.78 -26.82 14.19
CA THR A 394 -37.88 -25.72 14.48
C THR A 394 -36.61 -26.25 15.15
N VAL A 395 -35.46 -25.87 14.60
CA VAL A 395 -34.16 -26.27 15.14
C VAL A 395 -33.40 -25.01 15.54
N ALA A 396 -32.86 -25.02 16.75
CA ALA A 396 -32.14 -23.88 17.30
C ALA A 396 -30.64 -24.18 17.33
N LEU A 397 -29.85 -23.26 16.78
CA LEU A 397 -28.39 -23.38 16.77
C LEU A 397 -27.85 -22.52 17.91
N VAL A 398 -27.33 -23.17 18.95
CA VAL A 398 -26.83 -22.50 20.14
C VAL A 398 -25.35 -22.81 20.29
N GLY A 399 -24.54 -21.78 20.46
CA GLY A 399 -23.12 -21.96 20.65
C GLY A 399 -22.46 -20.63 20.92
N ARG A 400 -21.19 -20.70 21.30
CA ARG A 400 -20.41 -19.50 21.58
C ARG A 400 -20.12 -18.73 20.31
N SER A 401 -19.89 -17.43 20.45
CA SER A 401 -19.56 -16.58 19.32
C SER A 401 -18.21 -16.99 18.73
N GLY A 402 -18.14 -17.02 17.40
CA GLY A 402 -16.93 -17.42 16.72
C GLY A 402 -16.73 -18.91 16.59
N SER A 403 -17.72 -19.72 16.96
CA SER A 403 -17.62 -21.16 16.89
C SER A 403 -17.89 -21.62 15.45
N GLY A 404 -18.07 -22.93 15.28
CA GLY A 404 -18.31 -23.51 13.97
C GLY A 404 -19.71 -23.37 13.43
N LYS A 405 -20.59 -22.67 14.14
CA LYS A 405 -21.95 -22.48 13.64
C LYS A 405 -21.96 -21.69 12.33
N SER A 406 -21.12 -20.67 12.23
CA SER A 406 -21.03 -19.90 10.99
C SER A 406 -20.55 -20.77 9.84
N THR A 407 -19.57 -21.65 10.10
CA THR A 407 -19.09 -22.54 9.05
C THR A 407 -20.18 -23.50 8.59
N ILE A 408 -20.96 -24.03 9.54
CA ILE A 408 -22.05 -24.94 9.18
C ILE A 408 -23.10 -24.21 8.37
N ALA A 409 -23.44 -22.98 8.76
CA ALA A 409 -24.42 -22.20 8.02
C ALA A 409 -23.94 -21.90 6.61
N SER A 410 -22.65 -21.56 6.47
CA SER A 410 -22.09 -21.31 5.15
C SER A 410 -22.10 -22.57 4.29
N LEU A 411 -21.78 -23.71 4.89
CA LEU A 411 -21.79 -24.98 4.17
C LEU A 411 -23.19 -25.37 3.73
N ILE A 412 -24.20 -25.05 4.55
CA ILE A 412 -25.58 -25.33 4.17
C ILE A 412 -25.96 -24.58 2.90
N THR A 413 -25.46 -23.35 2.76
CA THR A 413 -25.67 -22.56 1.56
C THR A 413 -24.65 -22.86 0.47
N ARG A 414 -23.72 -23.78 0.73
CA ARG A 414 -22.73 -24.22 -0.25
C ARG A 414 -21.86 -23.06 -0.74
N PHE A 415 -21.60 -22.08 0.13
CA PHE A 415 -20.65 -21.03 -0.22
C PHE A 415 -19.25 -21.60 -0.41
N TYR A 416 -18.83 -22.48 0.49
CA TYR A 416 -17.57 -23.22 0.37
C TYR A 416 -17.87 -24.70 0.52
N ASP A 417 -17.47 -25.49 -0.47
CA ASP A 417 -17.77 -26.92 -0.46
C ASP A 417 -17.03 -27.61 0.67
N ILE A 418 -17.65 -28.64 1.24
CA ILE A 418 -17.03 -29.41 2.32
C ILE A 418 -15.83 -30.16 1.78
N ASP A 419 -14.72 -30.11 2.53
CA ASP A 419 -13.49 -30.75 2.08
C ASP A 419 -13.67 -32.27 2.02
N GLU A 420 -14.31 -32.86 3.03
CA GLU A 420 -14.50 -34.29 3.09
C GLU A 420 -15.93 -34.61 3.48
N GLY A 421 -16.39 -35.80 3.10
CA GLY A 421 -17.74 -36.23 3.38
C GLY A 421 -18.73 -35.80 2.32
N GLU A 422 -19.98 -36.22 2.53
CA GLU A 422 -21.05 -35.92 1.59
C GLU A 422 -22.35 -35.73 2.34
N ILE A 423 -23.18 -34.82 1.84
CA ILE A 423 -24.50 -34.54 2.41
C ILE A 423 -25.54 -34.77 1.33
N LEU A 424 -26.55 -35.58 1.64
CA LEU A 424 -27.62 -35.91 0.72
C LEU A 424 -28.89 -35.19 1.12
N MET A 425 -29.52 -34.53 0.16
CA MET A 425 -30.76 -33.79 0.39
C MET A 425 -31.84 -34.35 -0.53
N ASP A 426 -32.94 -34.79 0.06
CA ASP A 426 -34.08 -35.33 -0.68
C ASP A 426 -33.66 -36.49 -1.59
N GLY A 427 -32.78 -37.34 -1.09
CA GLY A 427 -32.30 -38.48 -1.84
C GLY A 427 -31.23 -38.17 -2.86
N HIS A 428 -30.75 -36.93 -2.92
CA HIS A 428 -29.70 -36.53 -3.85
C HIS A 428 -28.63 -35.74 -3.11
N ASP A 429 -27.40 -35.85 -3.60
CA ASP A 429 -26.29 -35.16 -2.97
C ASP A 429 -26.46 -33.64 -3.08
N LEU A 430 -25.94 -32.93 -2.08
CA LEU A 430 -26.02 -31.47 -2.09
C LEU A 430 -25.27 -30.89 -3.26
N ARG A 431 -24.08 -31.41 -3.55
CA ARG A 431 -23.30 -30.94 -4.69
C ARG A 431 -23.91 -31.38 -6.02
N GLU A 432 -24.77 -32.40 -6.01
CA GLU A 432 -25.39 -32.86 -7.25
C GLU A 432 -26.30 -31.80 -7.85
N TYR A 433 -27.07 -31.11 -7.02
CA TYR A 433 -27.96 -30.08 -7.50
C TYR A 433 -27.17 -28.89 -8.05
N THR A 434 -27.79 -28.18 -8.98
CA THR A 434 -27.13 -27.02 -9.58
C THR A 434 -26.88 -25.94 -8.55
N LEU A 435 -25.72 -25.29 -8.65
CA LEU A 435 -25.34 -24.28 -7.67
C LEU A 435 -26.35 -23.14 -7.63
N ALA A 436 -26.78 -22.65 -8.79
CA ALA A 436 -27.81 -21.63 -8.82
C ALA A 436 -29.12 -22.16 -8.25
N SER A 437 -29.49 -23.39 -8.62
CA SER A 437 -30.72 -23.98 -8.11
C SER A 437 -30.68 -24.15 -6.60
N LEU A 438 -29.55 -24.64 -6.07
CA LEU A 438 -29.43 -24.84 -4.63
C LEU A 438 -29.44 -23.51 -3.89
N ARG A 439 -28.64 -22.54 -4.34
CA ARG A 439 -28.57 -21.25 -3.67
C ARG A 439 -29.85 -20.44 -3.81
N ASN A 440 -30.69 -20.75 -4.81
CA ASN A 440 -31.93 -20.01 -4.98
C ASN A 440 -32.98 -20.41 -3.96
N GLN A 441 -32.99 -21.68 -3.53
CA GLN A 441 -34.02 -22.19 -2.64
C GLN A 441 -33.77 -21.83 -1.18
N VAL A 442 -32.62 -21.24 -0.85
CA VAL A 442 -32.27 -20.89 0.52
C VAL A 442 -32.08 -19.39 0.60
N ALA A 443 -32.63 -18.77 1.65
CA ALA A 443 -32.50 -17.34 1.88
C ALA A 443 -31.94 -17.11 3.27
N LEU A 444 -30.92 -16.26 3.37
CA LEU A 444 -30.27 -15.94 4.63
C LEU A 444 -30.56 -14.50 5.01
N VAL A 445 -31.07 -14.28 6.22
CA VAL A 445 -31.40 -12.96 6.72
C VAL A 445 -30.56 -12.68 7.95
N SER A 446 -29.86 -11.55 7.94
CA SER A 446 -29.04 -11.14 9.06
C SER A 446 -28.93 -9.63 9.07
N GLN A 447 -28.60 -9.08 10.24
CA GLN A 447 -28.44 -7.63 10.37
C GLN A 447 -27.17 -7.13 9.68
N ASN A 448 -26.24 -8.03 9.36
CA ASN A 448 -25.01 -7.67 8.68
C ASN A 448 -25.11 -7.79 7.17
N VAL A 449 -26.31 -8.06 6.65
CA VAL A 449 -26.49 -8.18 5.21
C VAL A 449 -26.23 -6.83 4.54
N HIS A 450 -25.24 -6.81 3.64
CA HIS A 450 -24.88 -5.57 2.96
C HIS A 450 -26.01 -5.09 2.07
N LEU A 451 -26.13 -3.76 1.95
CA LEU A 451 -27.19 -3.14 1.18
C LEU A 451 -26.66 -2.70 -0.17
N PHE A 452 -27.30 -3.15 -1.24
CA PHE A 452 -26.89 -2.77 -2.58
C PHE A 452 -27.14 -1.28 -2.81
N ASN A 453 -26.23 -0.66 -3.56
CA ASN A 453 -26.31 0.77 -3.84
C ASN A 453 -27.39 1.00 -4.88
N ASP A 454 -28.64 0.99 -4.41
CA ASP A 454 -29.80 1.22 -5.26
C ASP A 454 -30.93 1.73 -4.38
N THR A 455 -32.07 2.00 -5.01
CA THR A 455 -33.23 2.51 -4.29
C THR A 455 -33.77 1.46 -3.34
N VAL A 456 -34.57 1.91 -2.37
CA VAL A 456 -35.16 0.99 -1.39
C VAL A 456 -36.04 -0.03 -2.08
N ALA A 457 -36.88 0.43 -3.01
CA ALA A 457 -37.69 -0.50 -3.79
C ALA A 457 -36.81 -1.43 -4.61
N ASN A 458 -35.75 -0.89 -5.21
CA ASN A 458 -34.83 -1.72 -5.99
C ASN A 458 -34.11 -2.72 -5.08
N ASN A 459 -33.69 -2.28 -3.89
CA ASN A 459 -32.96 -3.18 -3.00
C ASN A 459 -33.87 -4.23 -2.38
N ILE A 460 -35.18 -3.97 -2.35
CA ILE A 460 -36.11 -4.98 -1.84
C ILE A 460 -36.17 -6.18 -2.78
N ALA A 461 -36.07 -5.93 -4.09
CA ALA A 461 -36.14 -6.99 -5.09
C ALA A 461 -34.87 -7.01 -5.92
N TYR A 462 -33.71 -7.02 -5.23
CA TYR A 462 -32.43 -6.84 -5.92
C TYR A 462 -32.17 -7.90 -6.98
N ALA A 463 -32.81 -9.06 -6.86
CA ALA A 463 -32.59 -10.13 -7.82
C ALA A 463 -33.76 -10.37 -8.76
N ARG A 464 -34.99 -10.08 -8.32
CA ARG A 464 -36.19 -10.35 -9.10
C ARG A 464 -37.06 -9.10 -9.18
N THR A 465 -36.44 -7.97 -9.50
CA THR A 465 -37.19 -6.71 -9.61
C THR A 465 -38.20 -6.77 -10.74
N GLU A 466 -37.82 -7.36 -11.88
CA GLU A 466 -38.68 -7.39 -13.05
C GLU A 466 -39.85 -8.36 -12.89
N GLN A 467 -39.71 -9.39 -12.06
CA GLN A 467 -40.73 -10.40 -11.89
C GLN A 467 -41.65 -10.14 -10.69
N TYR A 468 -41.46 -9.03 -9.99
CA TYR A 468 -42.24 -8.71 -8.80
C TYR A 468 -43.24 -7.61 -9.13
N SER A 469 -44.51 -7.87 -8.82
CA SER A 469 -45.56 -6.87 -9.03
C SER A 469 -45.43 -5.74 -8.02
N ARG A 470 -45.77 -4.53 -8.47
CA ARG A 470 -45.68 -3.36 -7.60
C ARG A 470 -46.65 -3.48 -6.42
N GLU A 471 -47.87 -3.96 -6.68
CA GLU A 471 -48.85 -4.11 -5.61
C GLU A 471 -48.39 -5.15 -4.59
N GLN A 472 -47.85 -6.28 -5.07
CA GLN A 472 -47.36 -7.31 -4.17
C GLN A 472 -46.18 -6.80 -3.34
N ILE A 473 -45.28 -6.04 -3.97
CA ILE A 473 -44.14 -5.48 -3.25
C ILE A 473 -44.62 -4.51 -2.18
N GLU A 474 -45.59 -3.67 -2.51
CA GLU A 474 -46.13 -2.72 -1.53
C GLU A 474 -46.81 -3.44 -0.38
N GLU A 475 -47.56 -4.50 -0.67
CA GLU A 475 -48.20 -5.28 0.38
C GLU A 475 -47.17 -5.93 1.29
N ALA A 476 -46.10 -6.49 0.71
CA ALA A 476 -45.05 -7.10 1.51
C ALA A 476 -44.36 -6.06 2.38
N ALA A 477 -44.09 -4.87 1.82
CA ALA A 477 -43.47 -3.81 2.60
C ALA A 477 -44.37 -3.37 3.75
N ARG A 478 -45.68 -3.29 3.51
CA ARG A 478 -46.62 -3.00 4.59
C ARG A 478 -46.57 -4.07 5.65
N MET A 479 -46.48 -5.35 5.24
CA MET A 479 -46.30 -6.44 6.18
C MET A 479 -44.89 -6.49 6.75
N ALA A 480 -43.96 -5.70 6.22
CA ALA A 480 -42.57 -5.69 6.67
C ALA A 480 -42.32 -4.71 7.80
N TYR A 481 -43.36 -4.05 8.31
CA TYR A 481 -43.24 -3.06 9.37
C TYR A 481 -42.31 -1.91 8.98
N ALA A 482 -42.24 -1.61 7.69
CA ALA A 482 -41.43 -0.52 7.17
C ALA A 482 -42.25 0.74 6.88
N MET A 483 -43.52 0.76 7.27
CA MET A 483 -44.37 1.92 7.00
C MET A 483 -43.87 3.16 7.73
N ASP A 484 -43.38 3.01 8.96
CA ASP A 484 -42.85 4.15 9.70
C ASP A 484 -41.64 4.74 8.99
N PHE A 485 -40.74 3.89 8.50
CA PHE A 485 -39.58 4.37 7.76
C PHE A 485 -39.98 4.90 6.38
N ILE A 486 -40.97 4.29 5.74
CA ILE A 486 -41.39 4.74 4.42
C ILE A 486 -42.02 6.13 4.49
N ASN A 487 -42.84 6.38 5.52
CA ASN A 487 -43.45 7.69 5.67
C ASN A 487 -42.40 8.77 5.92
N LYS A 488 -41.39 8.46 6.74
CA LYS A 488 -40.31 9.40 7.02
C LYS A 488 -39.39 9.62 5.83
N MET A 489 -39.39 8.70 4.86
CA MET A 489 -38.53 8.86 3.69
C MET A 489 -39.05 9.99 2.81
N ASP A 490 -38.10 10.76 2.26
CA ASP A 490 -38.45 11.87 1.39
C ASP A 490 -39.14 11.38 0.12
N ASN A 491 -38.62 10.31 -0.48
CA ASN A 491 -39.19 9.75 -1.70
C ASN A 491 -40.09 8.54 -1.43
N GLY A 492 -40.37 8.24 -0.17
CA GLY A 492 -41.22 7.10 0.14
C GLY A 492 -40.53 5.79 -0.21
N LEU A 493 -41.25 4.93 -0.93
CA LEU A 493 -40.71 3.63 -1.31
C LEU A 493 -39.64 3.72 -2.38
N ASP A 494 -39.52 4.85 -3.07
CA ASP A 494 -38.53 5.03 -4.12
C ASP A 494 -37.26 5.72 -3.63
N THR A 495 -37.12 5.89 -2.32
CA THR A 495 -35.93 6.54 -1.77
C THR A 495 -34.68 5.73 -2.08
N VAL A 496 -33.58 6.42 -2.32
CA VAL A 496 -32.31 5.77 -2.67
C VAL A 496 -31.64 5.31 -1.38
N ILE A 497 -31.52 3.99 -1.22
CA ILE A 497 -30.87 3.40 -0.05
C ILE A 497 -29.40 3.19 -0.34
N GLY A 498 -28.60 3.00 0.71
CA GLY A 498 -27.19 2.74 0.53
C GLY A 498 -26.31 3.91 0.93
N GLU A 499 -25.74 4.59 -0.07
CA GLU A 499 -24.83 5.71 0.18
C GLU A 499 -23.67 5.30 1.08
N ASN A 500 -23.12 4.11 0.81
CA ASN A 500 -22.02 3.54 1.59
C ASN A 500 -22.40 3.36 3.07
N GLY A 501 -23.68 3.15 3.34
CA GLY A 501 -24.15 2.93 4.69
C GLY A 501 -24.32 4.16 5.54
N VAL A 502 -24.07 5.35 4.98
CA VAL A 502 -24.20 6.57 5.76
C VAL A 502 -25.67 6.86 6.08
N LEU A 503 -26.55 6.69 5.09
CA LEU A 503 -27.97 6.97 5.25
C LEU A 503 -28.76 5.78 5.78
N LEU A 504 -28.12 4.63 5.99
CA LEU A 504 -28.80 3.42 6.44
C LEU A 504 -28.26 3.02 7.81
N SER A 505 -29.17 2.71 8.73
CA SER A 505 -28.80 2.27 10.06
C SER A 505 -28.82 0.75 10.15
N GLY A 506 -28.28 0.22 11.25
CA GLY A 506 -28.24 -1.22 11.44
C GLY A 506 -29.63 -1.82 11.57
N GLY A 507 -30.49 -1.18 12.35
CA GLY A 507 -31.86 -1.67 12.45
C GLY A 507 -32.61 -1.58 11.14
N GLN A 508 -32.42 -0.50 10.40
CA GLN A 508 -33.04 -0.38 9.08
C GLN A 508 -32.52 -1.45 8.13
N ARG A 509 -31.21 -1.73 8.19
CA ARG A 509 -30.64 -2.78 7.34
C ARG A 509 -31.22 -4.14 7.69
N GLN A 510 -31.35 -4.43 8.99
CA GLN A 510 -31.95 -5.70 9.40
C GLN A 510 -33.40 -5.80 8.95
N ARG A 511 -34.16 -4.71 9.07
CA ARG A 511 -35.54 -4.72 8.62
C ARG A 511 -35.64 -4.93 7.12
N ILE A 512 -34.74 -4.30 6.36
CA ILE A 512 -34.75 -4.48 4.91
C ILE A 512 -34.40 -5.92 4.54
N ALA A 513 -33.44 -6.52 5.26
CA ALA A 513 -33.09 -7.91 5.01
C ALA A 513 -34.27 -8.83 5.31
N ILE A 514 -34.98 -8.57 6.42
CA ILE A 514 -36.15 -9.38 6.77
C ILE A 514 -37.22 -9.23 5.70
N ALA A 515 -37.44 -8.01 5.20
CA ALA A 515 -38.42 -7.78 4.15
C ALA A 515 -38.04 -8.53 2.88
N ARG A 516 -36.76 -8.49 2.52
CA ARG A 516 -36.30 -9.21 1.33
C ARG A 516 -36.51 -10.71 1.49
N ALA A 517 -36.20 -11.26 2.67
CA ALA A 517 -36.41 -12.68 2.91
C ALA A 517 -37.88 -13.04 2.82
N LEU A 518 -38.75 -12.20 3.40
CA LEU A 518 -40.19 -12.47 3.33
C LEU A 518 -40.69 -12.42 1.89
N LEU A 519 -40.23 -11.45 1.12
CA LEU A 519 -40.64 -11.35 -0.28
C LEU A 519 -40.18 -12.57 -1.07
N ARG A 520 -38.93 -13.01 -0.86
CA ARG A 520 -38.44 -14.20 -1.54
C ARG A 520 -39.20 -15.44 -1.09
N ASP A 521 -39.47 -15.55 0.22
CA ASP A 521 -40.23 -16.65 0.80
C ASP A 521 -39.61 -18.00 0.44
N SER A 522 -38.31 -18.13 0.67
CA SER A 522 -37.63 -19.38 0.37
C SER A 522 -38.10 -20.49 1.31
N PRO A 523 -38.09 -21.74 0.84
CA PRO A 523 -38.54 -22.85 1.70
C PRO A 523 -37.72 -23.02 2.96
N ILE A 524 -36.40 -22.77 2.90
CA ILE A 524 -35.51 -22.95 4.03
C ILE A 524 -34.80 -21.64 4.30
N LEU A 525 -34.78 -21.23 5.57
CA LEU A 525 -34.15 -19.99 5.99
C LEU A 525 -33.10 -20.27 7.05
N ILE A 526 -31.92 -19.71 6.87
CA ILE A 526 -30.83 -19.81 7.84
C ILE A 526 -30.43 -18.40 8.23
N LEU A 527 -30.59 -18.06 9.50
CA LEU A 527 -30.33 -16.72 10.00
C LEU A 527 -29.15 -16.74 10.95
N ASP A 528 -28.31 -15.71 10.86
CA ASP A 528 -27.13 -15.55 11.70
C ASP A 528 -27.35 -14.32 12.59
N GLU A 529 -27.86 -14.56 13.79
CA GLU A 529 -28.10 -13.49 14.76
C GLU A 529 -26.89 -13.20 15.64
N ALA A 530 -25.80 -13.96 15.49
CA ALA A 530 -24.60 -13.71 16.29
C ALA A 530 -23.99 -12.37 15.95
N THR A 531 -23.95 -12.02 14.65
CA THR A 531 -23.40 -10.73 14.25
C THR A 531 -24.30 -9.56 14.64
N SER A 532 -25.57 -9.82 14.93
CA SER A 532 -26.47 -8.76 15.34
C SER A 532 -26.17 -8.31 16.76
N ALA A 533 -26.54 -7.06 17.06
CA ALA A 533 -26.34 -6.46 18.37
C ALA A 533 -27.67 -6.37 19.10
N LEU A 534 -27.70 -6.86 20.34
CA LEU A 534 -28.92 -6.86 21.13
C LEU A 534 -29.30 -5.48 21.66
N ASP A 535 -28.39 -4.51 21.58
CA ASP A 535 -28.66 -3.16 22.08
C ASP A 535 -29.47 -2.41 21.03
N THR A 536 -30.75 -2.73 20.96
CA THR A 536 -31.69 -2.10 20.03
C THR A 536 -32.81 -1.43 20.83
N GLU A 537 -33.06 -0.15 20.54
CA GLU A 537 -34.12 0.57 21.24
C GLU A 537 -35.50 -0.02 20.93
N SER A 538 -35.75 -0.35 19.67
CA SER A 538 -37.02 -0.90 19.23
C SER A 538 -36.76 -2.26 18.58
N GLU A 539 -36.94 -3.33 19.34
CA GLU A 539 -36.72 -4.67 18.84
C GLU A 539 -37.94 -5.57 18.91
N ARG A 540 -38.99 -5.19 19.65
CA ARG A 540 -40.18 -6.04 19.76
C ARG A 540 -40.87 -6.20 18.42
N ALA A 541 -41.00 -5.11 17.66
CA ALA A 541 -41.63 -5.20 16.35
C ALA A 541 -40.82 -6.07 15.40
N ILE A 542 -39.49 -5.93 15.43
CA ILE A 542 -38.64 -6.76 14.58
C ILE A 542 -38.77 -8.23 14.95
N GLN A 543 -38.79 -8.53 16.25
CA GLN A 543 -38.95 -9.91 16.70
C GLN A 543 -40.30 -10.47 16.27
N ALA A 544 -41.37 -9.68 16.38
CA ALA A 544 -42.68 -10.13 15.96
C ALA A 544 -42.71 -10.40 14.45
N ALA A 545 -42.09 -9.50 13.67
CA ALA A 545 -42.05 -9.71 12.22
C ALA A 545 -41.26 -10.95 11.86
N LEU A 546 -40.13 -11.19 12.54
CA LEU A 546 -39.35 -12.39 12.29
C LEU A 546 -40.12 -13.65 12.64
N ASP A 547 -40.84 -13.62 13.77
CA ASP A 547 -41.65 -14.78 14.15
C ASP A 547 -42.76 -15.03 13.14
N GLU A 548 -43.40 -13.96 12.65
CA GLU A 548 -44.43 -14.13 11.62
C GLU A 548 -43.85 -14.70 10.34
N LEU A 549 -42.66 -14.24 9.94
CA LEU A 549 -42.03 -14.74 8.73
C LEU A 549 -41.64 -16.21 8.87
N GLN A 550 -41.15 -16.60 10.05
CA GLN A 550 -40.73 -17.97 10.29
C GLN A 550 -41.86 -18.88 10.74
N LYS A 551 -43.06 -18.34 10.97
CA LYS A 551 -44.18 -19.17 11.39
C LYS A 551 -44.66 -20.08 10.27
N ASN A 552 -44.83 -19.54 9.07
CA ASN A 552 -45.37 -20.32 7.97
C ASN A 552 -44.36 -21.32 7.41
N ARG A 553 -43.10 -20.92 7.33
CA ARG A 553 -42.06 -21.77 6.75
C ARG A 553 -41.09 -22.22 7.85
N THR A 554 -40.85 -23.52 7.91
CA THR A 554 -39.92 -24.07 8.88
C THR A 554 -38.49 -23.63 8.56
N SER A 555 -37.71 -23.38 9.60
CA SER A 555 -36.35 -22.89 9.43
C SER A 555 -35.52 -23.27 10.65
N LEU A 556 -34.20 -23.22 10.47
CA LEU A 556 -33.24 -23.48 11.55
C LEU A 556 -32.32 -22.27 11.63
N VAL A 557 -32.58 -21.39 12.59
CA VAL A 557 -31.85 -20.14 12.73
C VAL A 557 -30.97 -20.22 13.97
N ILE A 558 -29.84 -19.50 13.94
CA ILE A 558 -28.95 -19.40 15.08
C ILE A 558 -29.40 -18.23 15.95
N ALA A 559 -30.36 -18.49 16.84
CA ALA A 559 -30.93 -17.44 17.66
C ALA A 559 -29.98 -17.04 18.78
N HIS A 560 -30.16 -15.81 19.28
CA HIS A 560 -29.37 -15.29 20.38
C HIS A 560 -30.23 -14.64 21.46
N ARG A 561 -31.53 -14.87 21.45
CA ARG A 561 -32.45 -14.30 22.43
C ARG A 561 -33.10 -15.41 23.24
N LEU A 562 -33.41 -15.10 24.50
CA LEU A 562 -34.02 -16.08 25.38
C LEU A 562 -35.40 -16.49 24.89
N SER A 563 -36.20 -15.53 24.42
CA SER A 563 -37.54 -15.84 23.93
C SER A 563 -37.49 -16.75 22.71
N THR A 564 -36.57 -16.46 21.78
CA THR A 564 -36.44 -17.30 20.60
C THR A 564 -35.99 -18.71 20.95
N ILE A 565 -35.06 -18.83 21.90
CA ILE A 565 -34.60 -20.16 22.33
C ILE A 565 -35.73 -20.93 22.99
N GLU A 566 -36.52 -20.25 23.83
CA GLU A 566 -37.64 -20.91 24.50
C GLU A 566 -38.70 -21.34 23.51
N LYS A 567 -38.96 -20.51 22.50
CA LYS A 567 -39.99 -20.83 21.50
C LYS A 567 -39.55 -21.88 20.50
N ALA A 568 -38.27 -22.25 20.49
CA ALA A 568 -37.79 -23.27 19.57
C ALA A 568 -38.38 -24.63 19.89
N ASP A 569 -38.80 -25.35 18.85
CA ASP A 569 -39.39 -26.67 19.04
C ASP A 569 -38.34 -27.70 19.45
N GLU A 570 -37.18 -27.69 18.78
CA GLU A 570 -36.11 -28.62 19.07
C GLU A 570 -34.79 -27.86 19.18
N ILE A 571 -34.00 -28.20 20.20
CA ILE A 571 -32.72 -27.58 20.44
C ILE A 571 -31.66 -28.68 20.57
N VAL A 572 -30.56 -28.52 19.87
CA VAL A 572 -29.46 -29.48 19.89
C VAL A 572 -28.23 -28.78 20.46
N VAL A 573 -27.61 -29.40 21.46
CA VAL A 573 -26.45 -28.83 22.13
C VAL A 573 -25.19 -29.25 21.37
N VAL A 574 -24.55 -28.30 20.71
CA VAL A 574 -23.31 -28.53 19.97
C VAL A 574 -22.29 -27.50 20.42
N GLU A 575 -21.12 -27.97 20.82
CA GLU A 575 -20.04 -27.10 21.28
C GLU A 575 -18.75 -27.49 20.59
N ASP A 576 -18.00 -26.49 20.12
CA ASP A 576 -16.73 -26.70 19.43
C ASP A 576 -16.89 -27.65 18.24
N GLY A 577 -17.99 -27.50 17.52
CA GLY A 577 -18.25 -28.36 16.37
C GLY A 577 -18.46 -29.81 16.73
N VAL A 578 -19.09 -30.07 17.88
CA VAL A 578 -19.35 -31.43 18.33
C VAL A 578 -20.50 -31.38 19.32
N ILE A 579 -21.32 -32.44 19.32
CA ILE A 579 -22.46 -32.55 20.22
C ILE A 579 -21.99 -33.27 21.48
N VAL A 580 -22.12 -32.61 22.62
CA VAL A 580 -21.67 -33.15 23.90
C VAL A 580 -22.80 -33.84 24.64
N GLU A 581 -23.99 -33.24 24.65
CA GLU A 581 -25.14 -33.78 25.35
C GLU A 581 -26.30 -33.98 24.38
N ARG A 582 -26.98 -35.11 24.52
CA ARG A 582 -28.12 -35.45 23.68
C ARG A 582 -29.34 -35.69 24.57
N GLY A 583 -30.46 -35.06 24.21
CA GLY A 583 -31.67 -35.22 24.98
C GLY A 583 -32.74 -34.27 24.48
N THR A 584 -33.92 -34.41 25.08
CA THR A 584 -35.05 -33.56 24.71
C THR A 584 -34.80 -32.13 25.16
N HIS A 585 -35.19 -31.17 24.31
CA HIS A 585 -35.03 -29.76 24.65
C HIS A 585 -35.89 -29.39 25.85
N ASN A 586 -37.14 -29.86 25.88
CA ASN A 586 -38.03 -29.55 27.00
C ASN A 586 -37.50 -30.14 28.31
N ASP A 587 -37.01 -31.38 28.27
CA ASP A 587 -36.45 -31.99 29.47
C ASP A 587 -35.22 -31.23 29.96
N LEU A 588 -34.35 -30.81 29.03
CA LEU A 588 -33.17 -30.04 29.43
C LEU A 588 -33.56 -28.70 30.03
N LEU A 589 -34.56 -28.04 29.44
CA LEU A 589 -35.01 -26.76 29.99
C LEU A 589 -35.62 -26.93 31.37
N GLU A 590 -36.41 -27.99 31.57
CA GLU A 590 -37.01 -28.23 32.87
C GLU A 590 -35.95 -28.57 33.92
N HIS A 591 -34.94 -29.36 33.54
CA HIS A 591 -33.89 -29.71 34.48
C HIS A 591 -33.09 -28.49 34.91
N ARG A 592 -32.80 -27.59 33.97
CA ARG A 592 -32.04 -26.36 34.23
C ARG A 592 -30.68 -26.68 34.83
N GLY A 593 -29.88 -27.42 34.06
CA GLY A 593 -28.55 -27.81 34.50
C GLY A 593 -27.44 -26.99 33.89
N VAL A 594 -26.60 -27.64 33.07
CA VAL A 594 -25.48 -26.94 32.46
C VAL A 594 -25.96 -25.90 31.47
N TYR A 595 -27.03 -26.22 30.72
CA TYR A 595 -27.55 -25.28 29.72
C TYR A 595 -28.04 -24.00 30.36
N ALA A 596 -28.76 -24.10 31.48
CA ALA A 596 -29.27 -22.91 32.16
C ALA A 596 -28.12 -22.07 32.69
N GLN A 597 -27.10 -22.70 33.28
CA GLN A 597 -25.95 -21.96 33.78
C GLN A 597 -25.21 -21.26 32.65
N LEU A 598 -25.04 -21.95 31.51
CA LEU A 598 -24.38 -21.32 30.37
C LEU A 598 -25.18 -20.15 29.83
N HIS A 599 -26.51 -20.29 29.77
CA HIS A 599 -27.34 -19.19 29.30
C HIS A 599 -27.28 -18.01 30.24
N LYS A 600 -27.30 -18.27 31.55
CA LYS A 600 -27.19 -17.17 32.52
C LYS A 600 -25.84 -16.48 32.43
N MET A 601 -24.76 -17.25 32.29
CA MET A 601 -23.44 -16.66 32.17
C MET A 601 -23.31 -15.85 30.88
N GLN A 602 -23.85 -16.36 29.78
CA GLN A 602 -23.77 -15.68 28.49
C GLN A 602 -25.08 -15.84 27.71
N SER B 31 3.03 28.20 6.32
CA SER B 31 3.67 27.81 7.56
C SER B 31 4.83 26.85 7.30
N THR B 32 5.75 27.25 6.44
CA THR B 32 6.91 26.44 6.11
C THR B 32 8.22 27.05 6.58
N TRP B 33 8.29 28.38 6.62
CA TRP B 33 9.53 29.05 7.01
C TRP B 33 9.93 28.71 8.44
N GLN B 34 8.96 28.73 9.35
CA GLN B 34 9.26 28.49 10.77
C GLN B 34 9.79 27.08 10.98
N THR B 35 9.15 26.08 10.38
CA THR B 35 9.56 24.71 10.54
C THR B 35 10.77 24.33 9.69
N PHE B 36 11.12 25.13 8.68
CA PHE B 36 12.41 24.95 8.03
C PHE B 36 13.53 25.53 8.89
N ARG B 37 13.29 26.68 9.51
CA ARG B 37 14.27 27.26 10.43
C ARG B 37 14.50 26.34 11.62
N ARG B 38 13.43 25.72 12.13
CA ARG B 38 13.57 24.73 13.19
C ARG B 38 14.34 23.51 12.75
N LEU B 39 14.37 23.22 11.45
CA LEU B 39 15.10 22.06 10.94
C LEU B 39 16.57 22.36 10.66
N TRP B 40 16.95 23.64 10.67
CA TRP B 40 18.35 23.98 10.37
C TRP B 40 19.37 23.29 11.25
N PRO B 41 19.19 23.15 12.57
CA PRO B 41 20.26 22.57 13.40
C PRO B 41 20.71 21.18 12.99
N THR B 42 19.81 20.34 12.48
CA THR B 42 20.22 18.97 12.14
C THR B 42 21.18 18.92 10.95
N ILE B 43 21.31 20.02 10.20
CA ILE B 43 22.29 20.11 9.12
C ILE B 43 23.31 21.22 9.35
N ALA B 44 23.17 21.99 10.42
CA ALA B 44 24.11 23.09 10.69
C ALA B 44 25.57 22.66 10.69
N PRO B 45 26.00 21.60 11.39
CA PRO B 45 27.41 21.22 11.28
C PRO B 45 27.76 20.58 9.95
N PHE B 46 26.77 20.18 9.17
CA PHE B 46 26.99 19.53 7.87
C PHE B 46 26.83 20.60 6.81
N LYS B 47 27.89 21.37 6.58
CA LYS B 47 27.85 22.47 5.64
C LYS B 47 28.99 22.47 4.63
N ALA B 48 30.06 21.72 4.89
CA ALA B 48 31.11 21.59 3.89
C ALA B 48 30.59 20.93 2.63
N GLY B 49 29.77 19.88 2.79
CA GLY B 49 29.14 19.27 1.63
C GLY B 49 28.21 20.22 0.90
N LEU B 50 27.47 21.03 1.66
CA LEU B 50 26.60 22.02 1.02
C LEU B 50 27.41 23.02 0.21
N ILE B 51 28.53 23.51 0.74
CA ILE B 51 29.35 24.47 -0.01
C ILE B 51 29.96 23.82 -1.23
N VAL B 52 30.42 22.56 -1.09
CA VAL B 52 30.99 21.85 -2.23
C VAL B 52 29.93 21.70 -3.33
N ALA B 53 28.72 21.29 -2.96
CA ALA B 53 27.66 21.15 -3.95
C ALA B 53 27.29 22.50 -4.55
N GLY B 54 27.30 23.55 -3.73
CA GLY B 54 26.90 24.87 -4.21
C GLY B 54 27.90 25.50 -5.15
N VAL B 55 29.17 25.11 -5.04
CA VAL B 55 30.13 25.56 -6.04
C VAL B 55 30.12 24.63 -7.26
N ALA B 56 29.88 23.33 -7.05
CA ALA B 56 29.81 22.40 -8.17
C ALA B 56 28.66 22.74 -9.10
N LEU B 57 27.48 23.06 -8.55
CA LEU B 57 26.33 23.36 -9.38
C LEU B 57 26.51 24.67 -10.14
N ILE B 58 27.06 25.69 -9.47
CA ILE B 58 27.34 26.96 -10.15
C ILE B 58 28.30 26.74 -11.30
N LEU B 59 29.38 25.98 -11.06
CA LEU B 59 30.33 25.73 -12.14
C LEU B 59 29.72 24.88 -13.23
N ASN B 60 28.79 23.99 -12.87
CA ASN B 60 28.08 23.20 -13.88
C ASN B 60 27.26 24.08 -14.80
N ALA B 61 26.48 25.00 -14.23
CA ALA B 61 25.71 25.92 -15.06
C ALA B 61 26.62 26.81 -15.88
N ALA B 62 27.75 27.24 -15.31
CA ALA B 62 28.70 28.06 -16.05
C ALA B 62 29.25 27.30 -17.25
N SER B 63 29.58 26.01 -17.06
CA SER B 63 30.03 25.20 -18.18
C SER B 63 28.94 25.03 -19.22
N ASP B 64 27.71 24.84 -18.78
CA ASP B 64 26.60 24.67 -19.71
C ASP B 64 26.43 25.90 -20.60
N THR B 65 26.51 27.09 -20.00
CA THR B 65 26.40 28.32 -20.80
C THR B 65 27.64 28.54 -21.66
N PHE B 66 28.82 28.28 -21.11
CA PHE B 66 30.07 28.53 -21.79
C PHE B 66 30.24 27.59 -22.98
N MET B 67 29.56 26.44 -22.96
CA MET B 67 29.58 25.54 -24.11
C MET B 67 28.96 26.22 -25.32
N LEU B 68 27.75 26.76 -25.18
CA LEU B 68 27.14 27.51 -26.28
C LEU B 68 27.98 28.74 -26.61
N SER B 69 28.55 29.38 -25.58
CA SER B 69 29.34 30.59 -25.80
C SER B 69 30.48 30.34 -26.77
N LEU B 70 31.29 29.32 -26.53
CA LEU B 70 32.38 29.04 -27.45
C LEU B 70 31.98 28.18 -28.64
N LEU B 71 30.77 27.63 -28.66
CA LEU B 71 30.34 26.88 -29.83
C LEU B 71 29.82 27.81 -30.92
N LYS B 72 28.75 28.54 -30.63
CA LYS B 72 27.97 29.14 -31.73
C LYS B 72 28.67 30.34 -32.36
N PRO B 73 28.96 31.43 -31.63
CA PRO B 73 29.52 32.61 -32.31
C PRO B 73 30.89 32.36 -32.93
N LEU B 74 31.77 31.64 -32.24
CA LEU B 74 33.10 31.40 -32.77
C LEU B 74 33.03 30.57 -34.05
N LEU B 75 32.22 29.51 -34.04
CA LEU B 75 32.14 28.63 -35.20
C LEU B 75 31.44 29.32 -36.37
N ASP B 76 30.44 30.15 -36.10
CA ASP B 76 29.69 30.77 -37.17
C ASP B 76 30.24 32.13 -37.60
N ASP B 77 31.29 32.63 -36.94
CA ASP B 77 31.99 33.81 -37.41
C ASP B 77 33.39 33.53 -37.94
N GLY B 78 34.05 32.49 -37.43
CA GLY B 78 35.31 32.07 -38.00
C GLY B 78 35.19 31.31 -39.29
N PHE B 79 33.96 30.99 -39.70
CA PHE B 79 33.73 30.25 -40.94
C PHE B 79 34.12 31.04 -42.18
N GLY B 80 34.28 32.37 -42.05
CA GLY B 80 34.61 33.22 -43.17
C GLY B 80 36.08 33.23 -43.54
N LYS B 81 36.54 32.17 -44.20
CA LYS B 81 37.93 32.05 -44.66
C LYS B 81 38.92 32.05 -43.49
N THR B 82 38.47 31.61 -42.32
CA THR B 82 39.33 31.49 -41.16
C THR B 82 39.08 30.19 -40.41
N ASP B 83 38.11 29.38 -40.85
CA ASP B 83 37.66 28.21 -40.11
C ASP B 83 38.73 27.12 -40.02
N ARG B 84 39.79 27.21 -40.84
CA ARG B 84 40.80 26.16 -40.89
C ARG B 84 41.39 25.83 -39.52
N SER B 85 41.47 26.83 -38.64
CA SER B 85 42.03 26.63 -37.30
C SER B 85 40.96 26.38 -36.25
N VAL B 86 39.93 27.23 -36.21
CA VAL B 86 38.93 27.11 -35.14
C VAL B 86 38.13 25.82 -35.27
N LEU B 87 37.96 25.33 -36.50
CA LEU B 87 37.16 24.12 -36.69
C LEU B 87 37.82 22.91 -36.06
N VAL B 88 39.15 22.81 -36.16
CA VAL B 88 39.86 21.73 -35.47
C VAL B 88 40.13 22.09 -34.01
N TRP B 89 40.07 23.37 -33.66
CA TRP B 89 40.22 23.77 -32.27
C TRP B 89 39.01 23.36 -31.43
N MET B 90 37.82 23.42 -32.03
CA MET B 90 36.58 23.24 -31.28
C MET B 90 36.43 21.88 -30.61
N PRO B 91 36.67 20.74 -31.28
CA PRO B 91 36.32 19.45 -30.64
C PRO B 91 37.03 19.19 -29.32
N LEU B 92 38.28 19.61 -29.18
CA LEU B 92 38.97 19.44 -27.90
C LEU B 92 38.30 20.27 -26.81
N VAL B 93 37.88 21.50 -27.14
CA VAL B 93 37.16 22.32 -26.18
C VAL B 93 35.86 21.64 -25.76
N VAL B 94 35.12 21.10 -26.73
CA VAL B 94 33.85 20.45 -26.42
C VAL B 94 34.08 19.24 -25.52
N ILE B 95 35.11 18.45 -25.84
CA ILE B 95 35.40 17.26 -25.05
C ILE B 95 35.76 17.62 -23.62
N GLY B 96 36.65 18.61 -23.46
CA GLY B 96 37.04 19.03 -22.13
C GLY B 96 35.87 19.60 -21.35
N LEU B 97 35.03 20.40 -22.02
CA LEU B 97 33.88 20.99 -21.36
C LEU B 97 32.90 19.92 -20.89
N MET B 98 32.68 18.89 -21.71
CA MET B 98 31.77 17.84 -21.27
C MET B 98 32.37 16.99 -20.15
N ILE B 99 33.69 16.78 -20.19
CA ILE B 99 34.33 16.09 -19.06
C ILE B 99 34.12 16.90 -17.79
N LEU B 100 34.31 18.22 -17.85
CA LEU B 100 34.08 19.07 -16.69
C LEU B 100 32.63 19.01 -16.24
N ARG B 101 31.69 19.07 -17.18
CA ARG B 101 30.27 19.05 -16.84
C ARG B 101 29.90 17.74 -16.14
N GLY B 102 30.36 16.62 -16.68
CA GLY B 102 30.08 15.34 -16.06
C GLY B 102 30.71 15.22 -14.68
N ILE B 103 31.94 15.70 -14.53
CA ILE B 103 32.61 15.63 -13.24
C ILE B 103 31.86 16.45 -12.21
N THR B 104 31.43 17.66 -12.59
CA THR B 104 30.68 18.49 -11.66
C THR B 104 29.32 17.87 -11.32
N SER B 105 28.65 17.28 -12.32
CA SER B 105 27.39 16.61 -12.04
C SER B 105 27.57 15.47 -11.05
N TYR B 106 28.58 14.63 -11.27
CA TYR B 106 28.84 13.53 -10.36
C TYR B 106 29.17 14.02 -8.96
N VAL B 107 30.04 15.04 -8.86
CA VAL B 107 30.44 15.55 -7.55
C VAL B 107 29.24 16.13 -6.81
N SER B 108 28.44 16.94 -7.51
CA SER B 108 27.29 17.58 -6.87
C SER B 108 26.27 16.55 -6.42
N SER B 109 25.95 15.57 -7.29
CA SER B 109 24.99 14.56 -6.91
C SER B 109 25.49 13.73 -5.74
N TYR B 110 26.77 13.34 -5.76
CA TYR B 110 27.31 12.53 -4.68
C TYR B 110 27.32 13.29 -3.36
N CYS B 111 27.68 14.57 -3.39
CA CYS B 111 27.75 15.33 -2.15
C CYS B 111 26.36 15.63 -1.59
N ILE B 112 25.40 15.97 -2.46
CA ILE B 112 24.03 16.16 -2.00
C ILE B 112 23.48 14.85 -1.45
N SER B 113 23.82 13.73 -2.07
CA SER B 113 23.40 12.44 -1.55
C SER B 113 24.04 12.16 -0.20
N TRP B 114 25.30 12.57 -0.02
CA TRP B 114 25.96 12.39 1.26
C TRP B 114 25.25 13.17 2.35
N VAL B 115 24.94 14.44 2.08
CA VAL B 115 24.26 15.27 3.08
C VAL B 115 22.88 14.69 3.38
N SER B 116 22.15 14.30 2.33
CA SER B 116 20.80 13.77 2.53
C SER B 116 20.83 12.47 3.32
N GLY B 117 21.77 11.57 3.00
CA GLY B 117 21.90 10.34 3.75
C GLY B 117 22.23 10.58 5.20
N LYS B 118 23.14 11.52 5.47
CA LYS B 118 23.49 11.79 6.86
C LYS B 118 22.32 12.40 7.63
N VAL B 119 21.58 13.31 7.00
CA VAL B 119 20.48 13.95 7.71
C VAL B 119 19.33 12.97 7.93
N VAL B 120 19.05 12.10 6.96
CA VAL B 120 18.01 11.09 7.20
C VAL B 120 18.48 10.07 8.21
N MET B 121 19.78 9.79 8.25
CA MET B 121 20.33 8.94 9.31
C MET B 121 20.03 9.55 10.68
N THR B 122 20.35 10.83 10.85
CA THR B 122 20.10 11.47 12.14
C THR B 122 18.62 11.51 12.48
N MET B 123 17.78 11.86 11.48
CA MET B 123 16.35 11.96 11.72
C MET B 123 15.74 10.60 12.07
N ARG B 124 16.12 9.55 11.34
CA ARG B 124 15.65 8.21 11.66
C ARG B 124 16.09 7.81 13.06
N ARG B 125 17.33 8.12 13.41
CA ARG B 125 17.82 7.72 14.73
C ARG B 125 17.02 8.40 15.84
N ARG B 126 16.84 9.72 15.75
CA ARG B 126 16.07 10.40 16.80
C ARG B 126 14.62 9.96 16.81
N LEU B 127 14.03 9.75 15.63
CA LEU B 127 12.63 9.36 15.57
C LEU B 127 12.40 7.98 16.16
N PHE B 128 13.29 7.04 15.85
CA PHE B 128 13.19 5.71 16.45
C PHE B 128 13.41 5.77 17.96
N GLY B 129 14.38 6.57 18.41
CA GLY B 129 14.59 6.71 19.83
C GLY B 129 13.37 7.26 20.55
N HIS B 130 12.66 8.19 19.91
CA HIS B 130 11.44 8.71 20.50
C HIS B 130 10.33 7.66 20.47
N MET B 131 10.25 6.89 19.38
CA MET B 131 9.16 5.91 19.26
C MET B 131 9.31 4.77 20.26
N MET B 132 10.54 4.39 20.60
CA MET B 132 10.72 3.29 21.52
C MET B 132 10.14 3.60 22.90
N GLY B 133 10.35 4.82 23.38
CA GLY B 133 9.83 5.22 24.67
C GLY B 133 8.52 5.99 24.60
N MET B 134 7.46 5.34 24.15
CA MET B 134 6.15 5.97 24.09
C MET B 134 5.09 4.87 24.11
N PRO B 135 3.87 5.20 24.60
CA PRO B 135 2.87 4.17 24.91
C PRO B 135 2.63 3.10 23.85
N VAL B 136 2.14 1.94 24.29
CA VAL B 136 1.91 0.80 23.42
C VAL B 136 0.66 0.96 22.56
N SER B 137 -0.31 1.77 23.00
CA SER B 137 -1.54 1.92 22.24
C SER B 137 -1.29 2.43 20.83
N PHE B 138 -0.31 3.31 20.66
CA PHE B 138 0.05 3.78 19.33
C PHE B 138 0.51 2.64 18.44
N PHE B 139 1.34 1.75 18.98
CA PHE B 139 1.74 0.56 18.24
C PHE B 139 0.55 -0.33 17.93
N ASP B 140 -0.43 -0.38 18.83
CA ASP B 140 -1.61 -1.21 18.60
C ASP B 140 -2.45 -0.67 17.45
N LYS B 141 -2.71 0.64 17.44
CA LYS B 141 -3.65 1.18 16.48
C LYS B 141 -2.99 1.53 15.13
N GLN B 142 -1.67 1.51 15.05
CA GLN B 142 -0.98 1.24 13.79
C GLN B 142 -0.63 -0.26 13.71
N SER B 143 0.08 -0.63 12.64
CA SER B 143 0.65 -1.95 12.47
C SER B 143 2.10 -1.80 12.06
N THR B 144 2.89 -2.85 12.31
CA THR B 144 4.34 -2.75 12.11
C THR B 144 4.68 -2.43 10.66
N GLY B 145 4.01 -3.09 9.71
CA GLY B 145 4.32 -2.86 8.31
C GLY B 145 4.02 -1.46 7.87
N THR B 146 2.80 -0.98 8.15
CA THR B 146 2.45 0.38 7.76
C THR B 146 3.24 1.42 8.52
N LEU B 147 3.55 1.15 9.79
CA LEU B 147 4.38 2.07 10.56
C LEU B 147 5.75 2.25 9.93
N LEU B 148 6.44 1.13 9.66
CA LEU B 148 7.80 1.25 9.14
C LEU B 148 7.80 1.77 7.71
N SER B 149 6.77 1.41 6.92
CA SER B 149 6.64 1.98 5.58
C SER B 149 6.51 3.49 5.67
N ARG B 150 5.62 3.98 6.55
CA ARG B 150 5.50 5.41 6.79
C ARG B 150 6.86 6.01 7.12
N ILE B 151 7.57 5.43 8.08
CA ILE B 151 8.80 6.03 8.56
C ILE B 151 9.82 6.14 7.44
N THR B 152 10.20 5.00 6.85
CA THR B 152 11.26 5.01 5.84
C THR B 152 10.85 5.80 4.60
N TYR B 153 9.63 5.58 4.11
CA TYR B 153 9.18 6.25 2.90
C TYR B 153 9.12 7.76 3.10
N ASP B 154 8.60 8.21 4.25
CA ASP B 154 8.51 9.64 4.49
C ASP B 154 9.90 10.27 4.65
N SER B 155 10.81 9.56 5.31
CA SER B 155 12.17 10.09 5.44
C SER B 155 12.83 10.26 4.07
N GLU B 156 12.78 9.22 3.25
CA GLU B 156 13.40 9.34 1.92
C GLU B 156 12.65 10.34 1.06
N GLN B 157 11.34 10.49 1.27
CA GLN B 157 10.55 11.44 0.49
C GLN B 157 10.94 12.88 0.81
N VAL B 158 11.05 13.21 2.10
CA VAL B 158 11.43 14.57 2.46
C VAL B 158 12.88 14.83 2.03
N ALA B 159 13.75 13.84 2.16
CA ALA B 159 15.12 14.01 1.68
C ALA B 159 15.14 14.33 0.19
N SER B 160 14.47 13.50 -0.62
CA SER B 160 14.49 13.70 -2.06
C SER B 160 13.85 15.02 -2.44
N SER B 161 12.73 15.37 -1.82
CA SER B 161 12.04 16.62 -2.18
C SER B 161 12.91 17.82 -1.86
N SER B 162 13.45 17.89 -0.63
CA SER B 162 14.27 19.04 -0.26
C SER B 162 15.53 19.13 -1.10
N SER B 163 16.20 17.99 -1.31
CA SER B 163 17.43 17.99 -2.10
C SER B 163 17.16 18.42 -3.53
N GLY B 164 16.10 17.88 -4.15
CA GLY B 164 15.78 18.26 -5.50
C GLY B 164 15.41 19.72 -5.61
N ALA B 165 14.62 20.23 -4.66
CA ALA B 165 14.28 21.64 -4.68
C ALA B 165 15.52 22.50 -4.58
N LEU B 166 16.42 22.18 -3.66
CA LEU B 166 17.64 22.97 -3.48
C LEU B 166 18.50 22.95 -4.74
N ILE B 167 18.76 21.75 -5.27
CA ILE B 167 19.65 21.65 -6.42
C ILE B 167 19.04 22.32 -7.64
N THR B 168 17.73 22.18 -7.84
CA THR B 168 17.12 22.81 -8.99
C THR B 168 17.12 24.32 -8.85
N VAL B 169 16.77 24.85 -7.68
CA VAL B 169 16.82 26.30 -7.49
C VAL B 169 18.21 26.83 -7.78
N VAL B 170 19.24 26.22 -7.17
CA VAL B 170 20.60 26.73 -7.35
C VAL B 170 21.03 26.63 -8.80
N ARG B 171 20.96 25.43 -9.38
CA ARG B 171 21.50 25.21 -10.71
C ARG B 171 20.73 26.01 -11.76
N GLU B 172 19.40 26.00 -11.69
CA GLU B 172 18.62 26.66 -12.72
C GLU B 172 18.64 28.18 -12.56
N GLY B 173 18.74 28.68 -11.32
CA GLY B 173 18.95 30.11 -11.15
C GLY B 173 20.29 30.55 -11.70
N ALA B 174 21.34 29.74 -11.47
CA ALA B 174 22.62 30.05 -12.08
C ALA B 174 22.54 30.02 -13.60
N SER B 175 21.81 29.05 -14.15
CA SER B 175 21.63 28.99 -15.59
C SER B 175 20.91 30.22 -16.12
N ILE B 176 19.84 30.63 -15.44
CA ILE B 176 19.09 31.81 -15.88
C ILE B 176 19.98 33.06 -15.83
N ILE B 177 20.73 33.21 -14.74
CA ILE B 177 21.63 34.36 -14.60
C ILE B 177 22.66 34.36 -15.72
N GLY B 178 23.27 33.20 -15.99
CA GLY B 178 24.30 33.15 -17.01
C GLY B 178 23.75 33.41 -18.40
N LEU B 179 22.57 32.86 -18.71
CA LEU B 179 21.99 33.07 -20.03
C LEU B 179 21.56 34.53 -20.22
N PHE B 180 21.01 35.16 -19.18
CA PHE B 180 20.73 36.59 -19.27
C PHE B 180 22.01 37.40 -19.43
N ILE B 181 23.09 37.02 -18.73
CA ILE B 181 24.34 37.76 -18.86
C ILE B 181 24.85 37.68 -20.29
N MET B 182 24.86 36.48 -20.87
CA MET B 182 25.30 36.34 -22.25
C MET B 182 24.37 37.07 -23.22
N MET B 183 23.06 37.03 -22.94
CA MET B 183 22.12 37.71 -23.82
C MET B 183 22.33 39.22 -23.81
N PHE B 184 22.52 39.80 -22.62
CA PHE B 184 22.77 41.24 -22.54
C PHE B 184 24.12 41.61 -23.13
N TYR B 185 25.11 40.72 -23.01
CA TYR B 185 26.40 40.97 -23.63
C TYR B 185 26.31 40.93 -25.15
N TYR B 186 25.28 40.28 -25.69
CA TYR B 186 25.08 40.15 -27.14
C TYR B 186 23.76 40.79 -27.54
N SER B 187 23.79 42.05 -27.98
CA SER B 187 22.62 42.74 -28.52
C SER B 187 21.49 42.80 -27.49
N TRP B 188 21.74 43.60 -26.45
CA TRP B 188 20.81 43.76 -25.33
C TRP B 188 19.38 44.09 -25.75
N GLN B 189 19.14 44.50 -26.99
CA GLN B 189 17.79 44.87 -27.40
C GLN B 189 16.84 43.68 -27.32
N LEU B 190 17.27 42.52 -27.82
CA LEU B 190 16.44 41.33 -27.71
C LEU B 190 16.25 40.93 -26.25
N SER B 191 17.28 41.12 -25.43
CA SER B 191 17.15 40.82 -24.00
C SER B 191 16.09 41.70 -23.35
N ILE B 192 16.08 42.99 -23.66
CA ILE B 192 15.09 43.87 -23.05
C ILE B 192 13.70 43.57 -23.60
N ILE B 193 13.60 43.19 -24.87
CA ILE B 193 12.30 42.79 -25.42
C ILE B 193 11.77 41.58 -24.67
N LEU B 194 12.62 40.58 -24.45
CA LEU B 194 12.19 39.39 -23.71
C LEU B 194 11.82 39.75 -22.28
N ILE B 195 12.60 40.60 -21.62
CA ILE B 195 12.33 40.87 -20.21
C ILE B 195 11.06 41.68 -20.05
N VAL B 196 10.72 42.54 -21.02
CA VAL B 196 9.45 43.26 -20.93
C VAL B 196 8.28 42.39 -21.35
N LEU B 197 8.51 41.37 -22.19
CA LEU B 197 7.45 40.41 -22.48
C LEU B 197 7.28 39.36 -21.38
N ALA B 198 8.25 39.25 -20.47
CA ALA B 198 8.19 38.24 -19.43
C ALA B 198 6.95 38.34 -18.53
N PRO B 199 6.57 39.52 -18.01
CA PRO B 199 5.38 39.55 -17.13
C PRO B 199 4.10 39.08 -17.82
N ILE B 200 3.90 39.45 -19.09
CA ILE B 200 2.68 39.06 -19.78
C ILE B 200 2.63 37.55 -19.96
N VAL B 201 3.72 36.96 -20.43
CA VAL B 201 3.78 35.51 -20.61
C VAL B 201 3.61 34.80 -19.28
N SER B 202 4.26 35.31 -18.23
CA SER B 202 4.18 34.68 -16.93
C SER B 202 2.76 34.69 -16.38
N ILE B 203 2.07 35.83 -16.48
CA ILE B 203 0.72 35.91 -15.96
C ILE B 203 -0.22 35.04 -16.81
N ALA B 204 0.01 34.97 -18.12
CA ALA B 204 -0.81 34.10 -18.96
C ALA B 204 -0.64 32.64 -18.57
N ILE B 205 0.61 32.21 -18.36
CA ILE B 205 0.85 30.83 -17.98
C ILE B 205 0.25 30.56 -16.60
N ARG B 206 0.36 31.53 -15.69
CA ARG B 206 -0.19 31.34 -14.35
C ARG B 206 -1.70 31.15 -14.40
N VAL B 207 -2.40 31.99 -15.17
CA VAL B 207 -3.85 31.90 -15.23
C VAL B 207 -4.28 30.61 -15.94
N VAL B 208 -3.53 30.21 -16.97
CA VAL B 208 -3.86 28.95 -17.66
C VAL B 208 -3.69 27.77 -16.70
N SER B 209 -2.57 27.73 -15.98
CA SER B 209 -2.33 26.63 -15.05
C SER B 209 -3.38 26.60 -13.95
N LYS B 210 -3.76 27.77 -13.42
CA LYS B 210 -4.80 27.82 -12.40
C LYS B 210 -6.14 27.32 -12.95
N ARG B 211 -6.47 27.72 -14.18
CA ARG B 211 -7.74 27.28 -14.77
C ARG B 211 -7.74 25.78 -15.03
N PHE B 212 -6.59 25.21 -15.37
CA PHE B 212 -6.52 23.80 -15.76
C PHE B 212 -6.11 22.90 -14.60
N ARG B 213 -6.53 23.21 -13.38
CA ARG B 213 -6.36 22.33 -12.24
C ARG B 213 -7.75 21.88 -11.79
N ASN B 214 -7.99 20.58 -11.81
CA ASN B 214 -9.32 20.04 -11.59
C ASN B 214 -9.64 19.91 -10.10
N ILE B 215 -10.89 19.56 -9.83
CA ILE B 215 -11.40 19.41 -8.46
C ILE B 215 -11.44 17.93 -8.15
N SER B 216 -10.55 17.47 -7.26
CA SER B 216 -10.45 16.07 -6.91
C SER B 216 -11.26 15.78 -5.65
N LYS B 217 -12.55 16.12 -5.70
CA LYS B 217 -13.45 15.85 -4.59
C LYS B 217 -14.77 15.22 -5.03
N ASN B 218 -14.88 14.76 -6.27
CA ASN B 218 -16.11 14.15 -6.76
C ASN B 218 -15.93 12.74 -7.30
N MET B 219 -14.82 12.46 -7.97
CA MET B 219 -14.60 11.13 -8.54
C MET B 219 -14.38 10.07 -7.47
N GLN B 220 -14.13 10.47 -6.23
CA GLN B 220 -14.02 9.49 -5.15
C GLN B 220 -15.32 8.74 -4.94
N ASN B 221 -16.45 9.34 -5.32
CA ASN B 221 -17.73 8.66 -5.19
C ASN B 221 -17.78 7.40 -6.06
N THR B 222 -17.25 7.49 -7.28
CA THR B 222 -17.20 6.30 -8.14
C THR B 222 -16.19 5.29 -7.62
N MET B 223 -15.04 5.77 -7.14
CA MET B 223 -14.05 4.87 -6.54
C MET B 223 -14.64 4.14 -5.34
N GLY B 224 -15.27 4.87 -4.43
CA GLY B 224 -15.89 4.22 -3.29
C GLY B 224 -17.03 3.31 -3.70
N GLN B 225 -17.77 3.68 -4.74
CA GLN B 225 -18.88 2.85 -5.20
C GLN B 225 -18.38 1.51 -5.74
N VAL B 226 -17.32 1.53 -6.55
CA VAL B 226 -16.80 0.28 -7.09
C VAL B 226 -16.15 -0.54 -5.97
N THR B 227 -15.48 0.12 -5.03
CA THR B 227 -14.90 -0.60 -3.90
C THR B 227 -15.98 -1.28 -3.09
N THR B 228 -17.10 -0.59 -2.85
CA THR B 228 -18.21 -1.20 -2.13
C THR B 228 -18.80 -2.36 -2.90
N SER B 229 -19.02 -2.18 -4.21
CA SER B 229 -19.60 -3.25 -5.03
C SER B 229 -18.71 -4.48 -5.04
N ALA B 230 -17.39 -4.30 -4.96
CA ALA B 230 -16.51 -5.45 -4.79
C ALA B 230 -16.62 -6.02 -3.37
N GLU B 231 -16.80 -5.14 -2.38
CA GLU B 231 -16.79 -5.54 -0.97
C GLU B 231 -18.19 -5.96 -0.50
N GLN B 232 -19.18 -5.06 -0.62
CA GLN B 232 -20.51 -5.39 -0.14
C GLN B 232 -21.12 -6.52 -0.94
N MET B 233 -20.53 -6.85 -2.08
CA MET B 233 -20.96 -7.98 -2.89
C MET B 233 -19.89 -9.05 -3.04
N LEU B 234 -19.05 -9.26 -2.03
CA LEU B 234 -18.29 -10.50 -1.92
C LEU B 234 -19.00 -11.47 -0.97
N LYS B 235 -19.12 -11.08 0.30
CA LYS B 235 -20.13 -11.70 1.14
C LYS B 235 -21.51 -11.43 0.58
N GLY B 236 -21.66 -10.30 -0.13
CA GLY B 236 -22.87 -10.08 -0.90
C GLY B 236 -22.91 -10.82 -2.20
N HIS B 237 -21.76 -11.31 -2.69
CA HIS B 237 -21.78 -12.31 -3.75
C HIS B 237 -22.35 -13.61 -3.22
N LYS B 238 -21.98 -13.97 -2.00
CA LYS B 238 -22.70 -15.04 -1.31
C LYS B 238 -24.17 -14.68 -1.17
N GLU B 239 -24.47 -13.40 -0.90
CA GLU B 239 -25.83 -12.91 -0.92
C GLU B 239 -26.35 -12.66 -2.34
N VAL B 240 -25.47 -12.51 -3.32
CA VAL B 240 -25.92 -12.49 -4.71
C VAL B 240 -26.22 -13.91 -5.18
N LEU B 241 -25.35 -14.85 -4.83
CA LEU B 241 -25.64 -16.26 -5.12
C LEU B 241 -26.91 -16.70 -4.40
N ILE B 242 -27.06 -16.31 -3.13
CA ILE B 242 -28.28 -16.64 -2.40
C ILE B 242 -29.49 -16.03 -3.07
N PHE B 243 -29.41 -14.76 -3.45
CA PHE B 243 -30.50 -14.12 -4.17
C PHE B 243 -30.59 -14.62 -5.61
N GLY B 244 -29.50 -15.14 -6.16
CA GLY B 244 -29.47 -15.63 -7.51
C GLY B 244 -29.19 -14.58 -8.57
N GLY B 245 -29.07 -13.31 -8.18
CA GLY B 245 -28.86 -12.25 -9.15
C GLY B 245 -27.42 -12.17 -9.58
N GLN B 246 -27.16 -12.29 -10.88
CA GLN B 246 -25.83 -12.11 -11.43
C GLN B 246 -25.86 -11.05 -12.53
N GLU B 247 -26.95 -11.03 -13.30
CA GLU B 247 -27.09 -10.04 -14.37
C GLU B 247 -27.19 -8.62 -13.81
N VAL B 248 -27.89 -8.44 -12.69
CA VAL B 248 -28.05 -7.11 -12.11
C VAL B 248 -26.70 -6.54 -11.71
N GLU B 249 -25.84 -7.37 -11.11
CA GLU B 249 -24.51 -6.91 -10.74
C GLU B 249 -23.68 -6.54 -11.95
N THR B 250 -23.79 -7.31 -13.03
CA THR B 250 -23.06 -6.99 -14.25
C THR B 250 -23.52 -5.66 -14.84
N LYS B 251 -24.84 -5.42 -14.85
CA LYS B 251 -25.33 -4.14 -15.36
C LYS B 251 -24.87 -2.97 -14.48
N ARG B 252 -24.92 -3.14 -13.16
CA ARG B 252 -24.48 -2.07 -12.27
C ARG B 252 -23.00 -1.77 -12.47
N PHE B 253 -22.18 -2.82 -12.60
CA PHE B 253 -20.77 -2.59 -12.84
C PHE B 253 -20.53 -1.98 -14.21
N ASP B 254 -21.36 -2.33 -15.19
CA ASP B 254 -21.27 -1.69 -16.50
C ASP B 254 -21.47 -0.19 -16.37
N LYS B 255 -22.51 0.21 -15.64
CA LYS B 255 -22.77 1.64 -15.47
C LYS B 255 -21.63 2.35 -14.74
N VAL B 256 -21.18 1.77 -13.62
CA VAL B 256 -20.17 2.46 -12.82
C VAL B 256 -18.83 2.50 -13.55
N SER B 257 -18.50 1.43 -14.29
CA SER B 257 -17.26 1.41 -15.05
C SER B 257 -17.31 2.38 -16.21
N ASN B 258 -18.46 2.53 -16.87
CA ASN B 258 -18.61 3.58 -17.88
C ASN B 258 -18.38 4.96 -17.26
N ARG B 259 -18.94 5.19 -16.07
CA ARG B 259 -18.75 6.47 -15.41
C ARG B 259 -17.27 6.73 -15.11
N MET B 260 -16.57 5.75 -14.55
CA MET B 260 -15.17 5.98 -14.20
C MET B 260 -14.29 6.10 -15.43
N ARG B 261 -14.62 5.37 -16.51
CA ARG B 261 -13.90 5.56 -17.76
C ARG B 261 -14.09 6.97 -18.30
N LEU B 262 -15.32 7.50 -18.24
CA LEU B 262 -15.55 8.87 -18.68
C LEU B 262 -14.76 9.86 -17.83
N GLN B 263 -14.73 9.65 -16.52
CA GLN B 263 -13.99 10.54 -15.64
C GLN B 263 -12.50 10.51 -15.97
N GLY B 264 -11.93 9.31 -16.14
CA GLY B 264 -10.52 9.22 -16.47
C GLY B 264 -10.19 9.84 -17.81
N MET B 265 -11.06 9.63 -18.80
CA MET B 265 -10.85 10.24 -20.11
C MET B 265 -10.88 11.77 -20.02
N LYS B 266 -11.79 12.31 -19.19
CA LYS B 266 -11.83 13.75 -18.99
C LYS B 266 -10.56 14.26 -18.33
N MET B 267 -10.05 13.52 -17.34
CA MET B 267 -8.80 13.91 -16.70
C MET B 267 -7.65 13.93 -17.70
N VAL B 268 -7.58 12.91 -18.55
CA VAL B 268 -6.50 12.86 -19.55
C VAL B 268 -6.67 13.98 -20.56
N SER B 269 -7.91 14.30 -20.93
CA SER B 269 -8.15 15.41 -21.85
C SER B 269 -7.67 16.73 -21.26
N ALA B 270 -7.94 16.96 -19.98
CA ALA B 270 -7.44 18.17 -19.32
C ALA B 270 -5.91 18.18 -19.30
N SER B 271 -5.31 17.05 -18.92
CA SER B 271 -3.85 16.99 -18.84
C SER B 271 -3.19 17.20 -20.20
N SER B 272 -3.87 16.80 -21.28
CA SER B 272 -3.31 16.93 -22.61
C SER B 272 -3.67 18.26 -23.28
N ILE B 273 -4.67 18.96 -22.79
CA ILE B 273 -4.94 20.31 -23.28
C ILE B 273 -4.12 21.34 -22.52
N SER B 274 -3.61 20.98 -21.33
CA SER B 274 -2.75 21.89 -20.60
C SER B 274 -1.51 22.30 -21.39
N ASP B 275 -0.63 21.34 -21.66
CA ASP B 275 0.72 21.64 -22.16
C ASP B 275 0.76 22.38 -23.49
N PRO B 276 0.02 21.98 -24.54
CA PRO B 276 0.16 22.68 -25.82
C PRO B 276 -0.18 24.16 -25.76
N ILE B 277 -1.05 24.57 -24.84
CA ILE B 277 -1.35 25.99 -24.69
C ILE B 277 -0.10 26.76 -24.24
N ILE B 278 0.62 26.22 -23.25
CA ILE B 278 1.84 26.86 -22.79
C ILE B 278 2.89 26.85 -23.89
N GLN B 279 3.02 25.74 -24.61
CA GLN B 279 3.99 25.69 -25.70
C GLN B 279 3.66 26.74 -26.77
N LEU B 280 2.37 26.89 -27.09
CA LEU B 280 1.97 27.87 -28.10
C LEU B 280 2.24 29.29 -27.62
N ILE B 281 1.98 29.57 -26.34
CA ILE B 281 2.27 30.90 -25.80
C ILE B 281 3.77 31.19 -25.87
N ALA B 282 4.58 30.18 -25.55
CA ALA B 282 6.03 30.34 -25.67
C ALA B 282 6.43 30.65 -27.11
N SER B 283 5.78 29.99 -28.07
CA SER B 283 6.11 30.27 -29.46
C SER B 283 5.62 31.65 -29.91
N LEU B 284 4.48 32.12 -29.38
CA LEU B 284 4.11 33.51 -29.62
C LEU B 284 5.18 34.46 -29.10
N ALA B 285 5.70 34.20 -27.90
CA ALA B 285 6.76 35.05 -27.37
C ALA B 285 7.99 35.04 -28.27
N LEU B 286 8.43 33.85 -28.68
CA LEU B 286 9.62 33.75 -29.52
C LEU B 286 9.38 34.41 -30.89
N ALA B 287 8.20 34.22 -31.47
CA ALA B 287 7.90 34.85 -32.74
C ALA B 287 7.85 36.36 -32.64
N PHE B 288 7.31 36.89 -31.54
CA PHE B 288 7.32 38.34 -31.34
C PHE B 288 8.74 38.85 -31.20
N VAL B 289 9.61 38.10 -30.51
CA VAL B 289 11.02 38.49 -30.41
C VAL B 289 11.65 38.52 -31.79
N LEU B 290 11.36 37.50 -32.61
CA LEU B 290 11.94 37.45 -33.96
C LEU B 290 11.42 38.60 -34.81
N TYR B 291 10.14 38.93 -34.69
CA TYR B 291 9.58 40.05 -35.44
C TYR B 291 10.19 41.37 -34.99
N ALA B 292 10.46 41.51 -33.69
CA ALA B 292 11.19 42.69 -33.22
C ALA B 292 12.60 42.72 -33.81
N ALA B 293 13.23 41.56 -33.95
CA ALA B 293 14.50 41.49 -34.64
C ALA B 293 14.38 41.86 -36.10
N SER B 294 13.19 41.69 -36.68
CA SER B 294 12.99 42.07 -38.07
C SER B 294 13.11 43.58 -38.27
N PHE B 295 12.94 44.36 -37.21
CA PHE B 295 13.12 45.81 -37.32
C PHE B 295 14.57 46.12 -37.68
N PRO B 296 14.80 47.07 -38.59
CA PRO B 296 16.19 47.38 -38.99
C PRO B 296 16.98 48.08 -37.90
N SER B 297 18.20 48.49 -38.23
CA SER B 297 19.17 49.19 -37.38
C SER B 297 19.76 48.29 -36.29
N VAL B 298 19.33 47.04 -36.18
CA VAL B 298 19.97 46.10 -35.25
C VAL B 298 20.59 44.91 -35.95
N MET B 299 20.25 44.61 -37.20
CA MET B 299 21.01 43.64 -37.99
C MET B 299 22.40 44.14 -38.35
N ASP B 300 22.64 45.46 -38.26
CA ASP B 300 23.97 45.98 -38.52
C ASP B 300 24.98 45.44 -37.51
N SER B 301 24.58 45.35 -36.25
CA SER B 301 25.41 44.80 -35.19
C SER B 301 25.15 43.31 -34.95
N LEU B 302 24.26 42.69 -35.71
CA LEU B 302 23.89 41.30 -35.51
C LEU B 302 24.32 40.50 -36.74
N THR B 303 25.32 39.64 -36.57
CA THR B 303 25.74 38.73 -37.64
C THR B 303 25.07 37.38 -37.42
N ALA B 304 25.38 36.42 -38.31
CA ALA B 304 24.75 35.11 -38.23
C ALA B 304 25.08 34.41 -36.92
N GLY B 305 26.34 34.47 -36.50
CA GLY B 305 26.71 33.83 -35.25
C GLY B 305 26.00 34.42 -34.06
N THR B 306 25.83 35.75 -34.04
CA THR B 306 25.19 36.40 -32.91
C THR B 306 23.73 36.00 -32.78
N ILE B 307 22.97 36.06 -33.88
CA ILE B 307 21.56 35.65 -33.80
C ILE B 307 21.46 34.17 -33.49
N THR B 308 22.38 33.37 -34.05
CA THR B 308 22.35 31.93 -33.77
C THR B 308 22.53 31.67 -32.28
N VAL B 309 23.54 32.29 -31.66
CA VAL B 309 23.79 32.05 -30.25
C VAL B 309 22.67 32.64 -29.39
N VAL B 310 22.09 33.76 -29.80
CA VAL B 310 20.99 34.34 -29.03
C VAL B 310 19.80 33.40 -29.02
N PHE B 311 19.40 32.89 -30.18
CA PHE B 311 18.23 32.01 -30.23
C PHE B 311 18.52 30.68 -29.56
N SER B 312 19.75 30.18 -29.67
CA SER B 312 20.13 28.98 -28.94
C SER B 312 20.03 29.20 -27.44
N SER B 313 20.43 30.38 -26.98
CA SER B 313 20.28 30.71 -25.57
C SER B 313 18.82 30.72 -25.15
N MET B 314 17.95 31.28 -26.00
CA MET B 314 16.52 31.28 -25.68
C MET B 314 15.98 29.86 -25.56
N ILE B 315 16.32 29.01 -26.53
CA ILE B 315 15.82 27.63 -26.51
C ILE B 315 16.35 26.89 -25.28
N ALA B 316 17.61 27.14 -24.91
CA ALA B 316 18.15 26.53 -23.70
C ALA B 316 17.42 27.03 -22.47
N LEU B 317 17.09 28.33 -22.43
CA LEU B 317 16.38 28.92 -21.31
C LEU B 317 14.93 28.48 -21.22
N MET B 318 14.41 27.84 -22.27
CA MET B 318 13.02 27.38 -22.25
C MET B 318 12.72 26.51 -21.04
N ARG B 319 13.56 25.51 -20.75
CA ARG B 319 13.28 24.49 -19.72
C ARG B 319 13.40 24.98 -18.27
N PRO B 320 14.46 25.73 -17.91
CA PRO B 320 14.68 26.02 -16.49
C PRO B 320 13.51 26.68 -15.76
N LEU B 321 12.72 27.53 -16.43
CA LEU B 321 11.64 28.22 -15.74
C LEU B 321 10.53 27.25 -15.34
N LYS B 322 10.16 26.37 -16.27
CA LYS B 322 9.20 25.31 -15.94
C LYS B 322 9.74 24.43 -14.83
N SER B 323 11.03 24.09 -14.90
CA SER B 323 11.64 23.31 -13.83
C SER B 323 11.51 24.03 -12.49
N LEU B 324 11.74 25.35 -12.49
CA LEU B 324 11.69 26.13 -11.26
C LEU B 324 10.30 26.12 -10.64
N THR B 325 9.27 26.32 -11.47
CA THR B 325 7.90 26.30 -10.92
C THR B 325 7.55 24.90 -10.39
N ASN B 326 7.87 23.86 -11.16
CA ASN B 326 7.55 22.51 -10.71
C ASN B 326 8.29 22.15 -9.42
N VAL B 327 9.51 22.67 -9.26
CA VAL B 327 10.25 22.30 -8.05
C VAL B 327 9.81 23.13 -6.86
N ASN B 328 9.29 24.34 -7.07
CA ASN B 328 8.59 25.00 -5.98
C ASN B 328 7.40 24.17 -5.53
N ALA B 329 6.65 23.63 -6.49
CA ALA B 329 5.52 22.77 -6.15
C ALA B 329 5.96 21.55 -5.35
N GLN B 330 7.03 20.88 -5.79
CA GLN B 330 7.46 19.68 -5.07
C GLN B 330 8.09 20.04 -3.72
N PHE B 331 8.68 21.23 -3.61
CA PHE B 331 9.15 21.69 -2.31
C PHE B 331 8.01 21.79 -1.32
N GLN B 332 6.90 22.38 -1.74
CA GLN B 332 5.72 22.43 -0.88
C GLN B 332 5.23 21.01 -0.55
N ARG B 333 5.19 20.15 -1.57
CA ARG B 333 4.70 18.79 -1.37
C ARG B 333 5.52 18.04 -0.33
N GLY B 334 6.85 18.04 -0.48
CA GLY B 334 7.70 17.36 0.46
C GLY B 334 7.71 18.00 1.84
N MET B 335 7.60 19.34 1.90
CA MET B 335 7.65 20.00 3.20
C MET B 335 6.39 19.70 4.00
N ALA B 336 5.26 19.44 3.32
CA ALA B 336 4.08 18.97 4.03
C ALA B 336 4.35 17.63 4.72
N ALA B 337 5.01 16.71 4.02
CA ALA B 337 5.34 15.43 4.63
C ALA B 337 6.33 15.60 5.78
N CYS B 338 7.27 16.53 5.64
CA CYS B 338 8.17 16.83 6.75
C CYS B 338 7.39 17.34 7.96
N GLN B 339 6.41 18.21 7.74
CA GLN B 339 5.61 18.73 8.83
C GLN B 339 4.84 17.61 9.53
N THR B 340 4.22 16.72 8.75
CA THR B 340 3.45 15.64 9.39
C THR B 340 4.36 14.65 10.09
N LEU B 341 5.58 14.45 9.59
CA LEU B 341 6.55 13.64 10.33
C LEU B 341 6.90 14.29 11.66
N PHE B 342 7.06 15.61 11.67
CA PHE B 342 7.32 16.31 12.92
C PHE B 342 6.16 16.16 13.90
N THR B 343 4.93 16.24 13.38
CA THR B 343 3.76 16.03 14.24
C THR B 343 3.75 14.63 14.82
N ILE B 344 4.11 13.63 14.01
CA ILE B 344 4.20 12.25 14.51
C ILE B 344 5.25 12.16 15.61
N LEU B 345 6.38 12.83 15.42
CA LEU B 345 7.44 12.82 16.42
C LEU B 345 7.04 13.55 17.70
N ASP B 346 6.13 14.52 17.62
CA ASP B 346 5.83 15.38 18.76
C ASP B 346 4.74 14.82 19.68
N SER B 347 3.81 14.02 19.14
CA SER B 347 2.62 13.64 19.89
C SER B 347 2.92 12.72 21.06
N GLU B 348 2.90 13.27 22.27
CA GLU B 348 2.94 12.52 23.53
C GLU B 348 4.24 11.73 23.69
N GLN B 349 4.39 11.04 24.81
CA GLN B 349 5.55 10.20 25.11
C GLN B 349 5.18 9.31 26.29
N GLU B 350 6.15 8.56 26.79
CA GLU B 350 5.93 7.71 27.96
C GLU B 350 5.99 8.58 29.21
N LYS B 351 4.83 9.13 29.56
CA LYS B 351 4.74 10.05 30.69
C LYS B 351 4.96 9.32 32.01
N ASP B 352 5.98 9.74 32.75
CA ASP B 352 6.29 9.19 34.07
C ASP B 352 5.72 10.14 35.11
N GLU B 353 4.41 10.07 35.33
CA GLU B 353 3.77 10.97 36.28
C GLU B 353 4.05 10.55 37.72
N GLY B 354 4.55 9.34 37.94
CA GLY B 354 4.80 8.85 39.28
C GLY B 354 5.91 9.56 40.01
N LYS B 355 7.14 9.43 39.52
CA LYS B 355 8.32 10.02 40.15
C LYS B 355 8.47 9.59 41.60
N ARG B 356 8.15 8.33 41.86
CA ARG B 356 8.25 7.72 43.19
C ARG B 356 8.90 6.35 43.09
N VAL B 357 10.05 6.31 42.41
CA VAL B 357 10.76 5.07 42.10
C VAL B 357 11.00 4.23 43.34
N ILE B 358 10.53 2.99 43.31
CA ILE B 358 10.75 2.04 44.40
C ILE B 358 11.39 0.78 43.83
N GLU B 359 12.71 0.72 43.86
CA GLU B 359 13.43 -0.41 43.29
C GLU B 359 13.29 -1.64 44.19
N ARG B 360 13.43 -2.82 43.57
CA ARG B 360 13.38 -4.10 44.27
C ARG B 360 12.05 -4.27 45.02
N ALA B 361 10.98 -4.30 44.25
CA ALA B 361 9.65 -4.46 44.83
C ALA B 361 9.49 -5.82 45.47
N THR B 362 8.80 -5.84 46.61
CA THR B 362 8.58 -7.10 47.33
C THR B 362 7.70 -8.05 46.52
N GLY B 363 6.67 -7.51 45.87
CA GLY B 363 5.78 -8.33 45.07
C GLY B 363 4.39 -8.48 45.67
N ASP B 364 3.90 -7.42 46.29
CA ASP B 364 2.54 -7.41 46.86
C ASP B 364 1.57 -7.11 45.73
N VAL B 365 1.10 -8.17 45.07
CA VAL B 365 0.23 -8.04 43.91
C VAL B 365 -1.22 -8.16 44.35
N GLU B 366 -2.01 -7.12 44.08
CA GLU B 366 -3.43 -7.12 44.41
C GLU B 366 -4.12 -6.11 43.49
N PHE B 367 -4.88 -6.61 42.52
CA PHE B 367 -5.61 -5.76 41.60
C PHE B 367 -6.99 -5.42 42.16
N ARG B 368 -7.37 -4.16 42.04
CA ARG B 368 -8.65 -3.70 42.58
C ARG B 368 -9.18 -2.56 41.72
N ASN B 369 -10.50 -2.54 41.51
CA ASN B 369 -11.18 -1.47 40.76
C ASN B 369 -10.61 -1.33 39.36
N VAL B 370 -10.45 -2.46 38.68
CA VAL B 370 -9.90 -2.47 37.33
C VAL B 370 -10.99 -2.13 36.34
N THR B 371 -10.79 -1.05 35.60
CA THR B 371 -11.73 -0.62 34.56
C THR B 371 -10.95 -0.02 33.41
N PHE B 372 -11.01 -0.68 32.24
CA PHE B 372 -10.28 -0.22 31.07
C PHE B 372 -10.99 -0.74 29.82
N THR B 373 -10.86 0.00 28.73
CA THR B 373 -11.48 -0.36 27.46
C THR B 373 -10.54 -0.01 26.31
N TYR B 374 -10.73 -0.70 25.19
CA TYR B 374 -9.98 -0.38 23.99
C TYR B 374 -10.47 0.95 23.41
N PRO B 375 -9.62 1.63 22.65
CA PRO B 375 -10.04 2.93 22.08
C PRO B 375 -11.24 2.76 21.15
N GLY B 376 -12.12 3.76 21.20
CA GLY B 376 -13.30 3.75 20.36
C GLY B 376 -14.48 3.02 20.97
N ARG B 377 -14.20 1.88 21.61
CA ARG B 377 -15.26 1.08 22.21
C ARG B 377 -15.81 1.76 23.47
N ASP B 378 -17.05 1.42 23.80
CA ASP B 378 -17.71 1.96 24.98
C ASP B 378 -17.97 0.92 26.05
N VAL B 379 -17.62 -0.34 25.81
CA VAL B 379 -17.81 -1.41 26.79
C VAL B 379 -16.46 -1.71 27.43
N PRO B 380 -16.29 -1.44 28.72
CA PRO B 380 -15.00 -1.71 29.36
C PRO B 380 -14.68 -3.20 29.39
N ALA B 381 -13.38 -3.51 29.28
CA ALA B 381 -12.94 -4.89 29.36
C ALA B 381 -13.21 -5.49 30.73
N LEU B 382 -12.98 -4.72 31.78
CA LEU B 382 -13.24 -5.14 33.15
C LEU B 382 -13.98 -4.05 33.88
N ARG B 383 -14.76 -4.44 34.89
CA ARG B 383 -15.55 -3.50 35.67
C ARG B 383 -15.44 -3.85 37.14
N ASN B 384 -14.77 -2.99 37.91
CA ASN B 384 -14.62 -3.16 39.36
C ASN B 384 -14.02 -4.53 39.70
N ILE B 385 -13.01 -4.94 38.94
CA ILE B 385 -12.37 -6.23 39.17
C ILE B 385 -11.48 -6.12 40.39
N ASN B 386 -11.63 -7.06 41.32
CA ASN B 386 -10.83 -7.09 42.54
C ASN B 386 -10.20 -8.48 42.67
N LEU B 387 -8.90 -8.51 42.91
CA LEU B 387 -8.18 -9.76 43.05
C LEU B 387 -6.95 -9.55 43.93
N LYS B 388 -6.44 -10.64 44.48
CA LYS B 388 -5.27 -10.61 45.34
C LYS B 388 -4.34 -11.75 44.96
N ILE B 389 -3.05 -11.43 44.86
CA ILE B 389 -2.01 -12.42 44.56
C ILE B 389 -0.90 -12.28 45.60
N PRO B 390 -1.10 -12.76 46.82
CA PRO B 390 -0.07 -12.59 47.85
C PRO B 390 1.19 -13.37 47.52
N ALA B 391 2.32 -12.84 47.98
CA ALA B 391 3.60 -13.49 47.78
C ALA B 391 3.68 -14.80 48.57
N GLY B 392 4.43 -15.75 48.03
CA GLY B 392 4.55 -17.05 48.64
C GLY B 392 3.43 -18.03 48.33
N LYS B 393 2.47 -17.63 47.49
CA LYS B 393 1.36 -18.50 47.11
C LYS B 393 1.24 -18.52 45.60
N THR B 394 0.75 -19.66 45.08
CA THR B 394 0.57 -19.86 43.66
C THR B 394 -0.86 -19.56 43.27
N VAL B 395 -1.04 -18.71 42.25
CA VAL B 395 -2.35 -18.33 41.75
C VAL B 395 -2.43 -18.76 40.29
N ALA B 396 -3.52 -19.44 39.92
CA ALA B 396 -3.73 -19.94 38.58
C ALA B 396 -4.78 -19.11 37.88
N LEU B 397 -4.46 -18.62 36.68
CA LEU B 397 -5.39 -17.86 35.86
C LEU B 397 -6.00 -18.80 34.82
N VAL B 398 -7.28 -19.09 34.96
CA VAL B 398 -7.99 -20.02 34.09
C VAL B 398 -9.12 -19.27 33.39
N GLY B 399 -9.20 -19.42 32.08
CA GLY B 399 -10.24 -18.77 31.31
C GLY B 399 -10.15 -19.18 29.86
N ARG B 400 -11.19 -18.81 29.12
CA ARG B 400 -11.24 -19.11 27.69
C ARG B 400 -10.21 -18.28 26.92
N SER B 401 -9.79 -18.81 25.78
CA SER B 401 -8.85 -18.09 24.93
C SER B 401 -9.48 -16.81 24.39
N GLY B 402 -8.70 -15.74 24.38
CA GLY B 402 -9.20 -14.45 23.93
C GLY B 402 -9.98 -13.67 24.95
N SER B 403 -10.03 -14.13 26.20
CA SER B 403 -10.76 -13.44 27.25
C SER B 403 -9.92 -12.30 27.80
N GLY B 404 -10.35 -11.74 28.93
CA GLY B 404 -9.66 -10.63 29.56
C GLY B 404 -8.41 -10.96 30.33
N LYS B 405 -8.00 -12.24 30.34
CA LYS B 405 -6.79 -12.62 31.06
C LYS B 405 -5.56 -11.93 30.48
N SER B 406 -5.49 -11.83 29.15
CA SER B 406 -4.36 -11.13 28.52
C SER B 406 -4.35 -9.67 28.92
N THR B 407 -5.53 -9.03 28.96
CA THR B 407 -5.60 -7.64 29.37
C THR B 407 -5.14 -7.45 30.81
N ILE B 408 -5.55 -8.35 31.70
CA ILE B 408 -5.12 -8.27 33.09
C ILE B 408 -3.62 -8.44 33.21
N ALA B 409 -3.06 -9.42 32.47
CA ALA B 409 -1.63 -9.63 32.50
C ALA B 409 -0.86 -8.42 31.98
N SER B 410 -1.36 -7.80 30.91
CA SER B 410 -0.72 -6.60 30.38
C SER B 410 -0.81 -5.45 31.38
N LEU B 411 -1.95 -5.31 32.06
CA LEU B 411 -2.10 -4.26 33.06
C LEU B 411 -1.19 -4.48 34.26
N ILE B 412 -0.94 -5.74 34.63
CA ILE B 412 -0.02 -6.03 35.72
C ILE B 412 1.37 -5.52 35.39
N THR B 413 1.77 -5.65 34.12
CA THR B 413 3.04 -5.12 33.65
C THR B 413 2.97 -3.64 33.27
N ARG B 414 1.80 -3.03 33.38
CA ARG B 414 1.60 -1.61 33.10
C ARG B 414 1.96 -1.25 31.67
N PHE B 415 1.77 -2.18 30.74
CA PHE B 415 1.96 -1.83 29.33
C PHE B 415 0.96 -0.78 28.89
N TYR B 416 -0.30 -0.93 29.29
CA TYR B 416 -1.34 0.07 29.05
C TYR B 416 -2.00 0.38 30.38
N ASP B 417 -1.98 1.66 30.77
CA ASP B 417 -2.53 2.06 32.05
C ASP B 417 -4.04 1.84 32.10
N ILE B 418 -4.54 1.49 33.28
CA ILE B 418 -5.98 1.28 33.46
C ILE B 418 -6.71 2.60 33.27
N ASP B 419 -7.81 2.55 32.51
CA ASP B 419 -8.57 3.78 32.23
C ASP B 419 -9.17 4.36 33.51
N GLU B 420 -9.72 3.51 34.38
CA GLU B 420 -10.35 3.95 35.61
C GLU B 420 -9.91 3.06 36.76
N GLY B 421 -9.97 3.61 37.97
CA GLY B 421 -9.56 2.88 39.16
C GLY B 421 -8.08 3.03 39.46
N GLU B 422 -7.69 2.43 40.57
CA GLU B 422 -6.30 2.48 41.02
C GLU B 422 -5.94 1.18 41.73
N ILE B 423 -4.68 0.78 41.56
CA ILE B 423 -4.14 -0.42 42.19
C ILE B 423 -2.95 -0.01 43.03
N LEU B 424 -2.96 -0.41 44.30
CA LEU B 424 -1.89 -0.07 45.24
C LEU B 424 -1.05 -1.31 45.52
N MET B 425 0.27 -1.15 45.41
CA MET B 425 1.21 -2.25 45.65
C MET B 425 2.16 -1.85 46.76
N ASP B 426 2.22 -2.67 47.81
CA ASP B 426 3.10 -2.44 48.96
C ASP B 426 2.86 -1.06 49.57
N GLY B 427 1.59 -0.67 49.68
CA GLY B 427 1.22 0.60 50.25
C GLY B 427 1.39 1.80 49.34
N HIS B 428 1.76 1.58 48.07
CA HIS B 428 1.93 2.65 47.11
C HIS B 428 1.22 2.30 45.81
N ASP B 429 0.74 3.32 45.11
CA ASP B 429 0.03 3.10 43.85
C ASP B 429 0.95 2.50 42.81
N LEU B 430 0.36 1.69 41.93
CA LEU B 430 1.14 1.08 40.85
C LEU B 430 1.72 2.14 39.92
N ARG B 431 0.93 3.15 39.57
CA ARG B 431 1.43 4.22 38.73
C ARG B 431 2.40 5.14 39.46
N GLU B 432 2.39 5.13 40.80
CA GLU B 432 3.30 5.97 41.55
C GLU B 432 4.75 5.56 41.33
N TYR B 433 5.02 4.26 41.30
CA TYR B 433 6.39 3.79 41.09
C TYR B 433 6.86 4.13 39.68
N THR B 434 8.18 4.23 39.53
CA THR B 434 8.76 4.55 38.23
C THR B 434 8.47 3.44 37.22
N LEU B 435 8.16 3.86 35.99
CA LEU B 435 7.81 2.88 34.96
C LEU B 435 8.93 1.90 34.71
N ALA B 436 10.17 2.39 34.60
CA ALA B 436 11.30 1.50 34.45
C ALA B 436 11.48 0.62 35.69
N SER B 437 11.34 1.20 36.88
CA SER B 437 11.49 0.43 38.10
C SER B 437 10.42 -0.65 38.22
N LEU B 438 9.17 -0.31 37.92
CA LEU B 438 8.09 -1.28 38.00
C LEU B 438 8.26 -2.38 36.94
N ARG B 439 8.56 -2.00 35.70
CA ARG B 439 8.70 -2.98 34.64
C ARG B 439 9.95 -3.84 34.79
N ASN B 440 10.94 -3.37 35.55
CA ASN B 440 12.15 -4.17 35.73
C ASN B 440 11.93 -5.33 36.69
N GLN B 441 11.05 -5.16 37.68
CA GLN B 441 10.85 -6.18 38.71
C GLN B 441 9.94 -7.31 38.27
N VAL B 442 9.34 -7.22 37.09
CA VAL B 442 8.43 -8.24 36.57
C VAL B 442 9.01 -8.80 35.28
N ALA B 443 9.00 -10.12 35.15
CA ALA B 443 9.48 -10.80 33.96
C ALA B 443 8.39 -11.70 33.41
N LEU B 444 8.14 -11.59 32.10
CA LEU B 444 7.12 -12.38 31.44
C LEU B 444 7.77 -13.37 30.49
N VAL B 445 7.41 -14.64 30.62
CA VAL B 445 7.94 -15.72 29.79
C VAL B 445 6.79 -16.36 29.04
N SER B 446 6.92 -16.43 27.71
CA SER B 446 5.92 -17.05 26.87
C SER B 446 6.59 -17.61 25.63
N GLN B 447 5.93 -18.59 25.02
CA GLN B 447 6.46 -19.20 23.80
C GLN B 447 6.37 -18.26 22.60
N ASN B 448 5.55 -17.22 22.68
CA ASN B 448 5.40 -16.25 21.61
C ASN B 448 6.39 -15.08 21.73
N VAL B 449 7.27 -15.11 22.73
CA VAL B 449 8.25 -14.05 22.88
C VAL B 449 9.31 -14.19 21.80
N HIS B 450 9.28 -13.30 20.81
CA HIS B 450 10.21 -13.36 19.71
C HIS B 450 11.63 -13.08 20.18
N LEU B 451 12.61 -13.58 19.42
CA LEU B 451 14.01 -13.48 19.77
C LEU B 451 14.66 -12.33 19.01
N PHE B 452 15.40 -11.50 19.73
CA PHE B 452 16.10 -10.39 19.12
C PHE B 452 17.19 -10.90 18.18
N ASN B 453 17.42 -10.14 17.09
CA ASN B 453 18.37 -10.52 16.07
C ASN B 453 19.79 -10.30 16.61
N ASP B 454 20.24 -11.28 17.40
CA ASP B 454 21.57 -11.25 17.98
C ASP B 454 21.96 -12.68 18.31
N THR B 455 23.19 -12.84 18.81
CA THR B 455 23.68 -14.16 19.17
C THR B 455 22.89 -14.73 20.34
N VAL B 456 22.95 -16.05 20.49
CA VAL B 456 22.23 -16.72 21.57
C VAL B 456 22.71 -16.22 22.92
N ALA B 457 24.03 -16.12 23.10
CA ALA B 457 24.58 -15.56 24.32
C ALA B 457 24.14 -14.11 24.50
N ASN B 458 24.15 -13.34 23.41
CA ASN B 458 23.68 -11.96 23.47
C ASN B 458 22.19 -11.89 23.78
N ASN B 459 21.39 -12.78 23.19
CA ASN B 459 19.95 -12.74 23.40
C ASN B 459 19.57 -13.22 24.79
N ILE B 460 20.44 -14.00 25.45
CA ILE B 460 20.16 -14.43 26.81
C ILE B 460 20.34 -13.27 27.78
N ALA B 461 21.10 -12.25 27.38
CA ALA B 461 21.41 -11.11 28.24
C ALA B 461 21.07 -9.80 27.52
N TYR B 462 19.83 -9.70 27.02
CA TYR B 462 19.48 -8.64 26.08
C TYR B 462 19.82 -7.25 26.60
N ALA B 463 19.74 -7.03 27.91
CA ALA B 463 20.11 -5.73 28.47
C ALA B 463 21.12 -5.83 29.60
N ARG B 464 21.44 -7.03 30.07
CA ARG B 464 22.38 -7.24 31.16
C ARG B 464 23.61 -7.98 30.65
N THR B 465 24.00 -7.71 29.41
CA THR B 465 25.17 -8.35 28.83
C THR B 465 26.44 -7.95 29.56
N GLU B 466 26.59 -6.66 29.88
CA GLU B 466 27.80 -6.19 30.55
C GLU B 466 27.77 -6.41 32.05
N GLN B 467 26.61 -6.70 32.63
CA GLN B 467 26.49 -6.88 34.08
C GLN B 467 26.43 -8.34 34.49
N TYR B 468 26.53 -9.27 33.55
CA TYR B 468 26.43 -10.70 33.83
C TYR B 468 27.77 -11.37 33.55
N SER B 469 28.26 -12.15 34.52
CA SER B 469 29.50 -12.88 34.34
C SER B 469 29.29 -14.04 33.36
N ARG B 470 30.35 -14.35 32.61
CA ARG B 470 30.28 -15.44 31.64
C ARG B 470 30.03 -16.78 32.33
N GLU B 471 30.71 -17.02 33.45
CA GLU B 471 30.52 -18.28 34.17
C GLU B 471 29.10 -18.43 34.67
N GLN B 472 28.52 -17.35 35.23
CA GLN B 472 27.14 -17.40 35.70
C GLN B 472 26.18 -17.65 34.55
N ILE B 473 26.40 -17.00 33.41
CA ILE B 473 25.54 -17.21 32.25
C ILE B 473 25.62 -18.65 31.77
N GLU B 474 26.84 -19.20 31.72
CA GLU B 474 27.01 -20.58 31.30
C GLU B 474 26.32 -21.55 32.27
N GLU B 475 26.45 -21.29 33.58
CA GLU B 475 25.78 -22.15 34.56
C GLU B 475 24.26 -22.07 34.41
N ALA B 476 23.73 -20.86 34.20
CA ALA B 476 22.28 -20.73 34.00
C ALA B 476 21.83 -21.45 32.74
N ALA B 477 22.60 -21.35 31.66
CA ALA B 477 22.26 -22.04 30.43
C ALA B 477 22.29 -23.55 30.63
N ARG B 478 23.27 -24.05 31.39
CA ARG B 478 23.30 -25.47 31.72
C ARG B 478 22.07 -25.86 32.52
N MET B 479 21.65 -25.02 33.46
CA MET B 479 20.41 -25.25 34.18
C MET B 479 19.18 -24.96 33.33
N ALA B 480 19.35 -24.38 32.14
CA ALA B 480 18.24 -24.04 31.27
C ALA B 480 17.86 -25.17 30.32
N TYR B 481 18.48 -26.34 30.45
CA TYR B 481 18.21 -27.49 29.59
C TYR B 481 18.50 -27.18 28.13
N ALA B 482 19.43 -26.26 27.88
CA ALA B 482 19.84 -25.88 26.54
C ALA B 482 21.14 -26.55 26.11
N MET B 483 21.64 -27.50 26.90
CA MET B 483 22.89 -28.18 26.56
C MET B 483 22.76 -28.98 25.26
N ASP B 484 21.63 -29.64 25.06
CA ASP B 484 21.42 -30.38 23.82
C ASP B 484 21.42 -29.45 22.62
N PHE B 485 20.75 -28.29 22.73
CA PHE B 485 20.75 -27.33 21.65
C PHE B 485 22.11 -26.68 21.46
N ILE B 486 22.83 -26.43 22.56
CA ILE B 486 24.14 -25.81 22.47
C ILE B 486 25.14 -26.73 21.79
N ASN B 487 25.09 -28.03 22.10
CA ASN B 487 26.01 -28.98 21.49
C ASN B 487 25.78 -29.08 19.98
N LYS B 488 24.51 -29.08 19.57
CA LYS B 488 24.18 -29.14 18.14
C LYS B 488 24.47 -27.83 17.42
N MET B 489 24.64 -26.73 18.13
CA MET B 489 24.95 -25.45 17.50
C MET B 489 26.36 -25.46 16.95
N ASP B 490 26.53 -24.84 15.77
CA ASP B 490 27.84 -24.79 15.13
C ASP B 490 28.82 -23.96 15.98
N ASN B 491 28.37 -22.83 16.51
CA ASN B 491 29.20 -21.97 17.33
C ASN B 491 28.94 -22.16 18.82
N GLY B 492 28.16 -23.15 19.20
CA GLY B 492 27.88 -23.35 20.62
C GLY B 492 27.05 -22.23 21.19
N LEU B 493 27.49 -21.69 22.33
CA LEU B 493 26.77 -20.61 22.99
C LEU B 493 26.86 -19.28 22.25
N ASP B 494 27.80 -19.15 21.32
CA ASP B 494 27.99 -17.92 20.56
C ASP B 494 27.28 -17.93 19.21
N THR B 495 26.44 -18.95 18.96
CA THR B 495 25.72 -19.02 17.70
C THR B 495 24.77 -17.85 17.55
N VAL B 496 24.61 -17.37 16.32
CA VAL B 496 23.76 -16.23 16.03
C VAL B 496 22.32 -16.71 15.94
N ILE B 497 21.48 -16.27 16.88
CA ILE B 497 20.06 -16.64 16.89
C ILE B 497 19.26 -15.59 16.14
N GLY B 498 18.03 -15.94 15.77
CA GLY B 498 17.18 -15.00 15.06
C GLY B 498 17.00 -15.33 13.60
N GLU B 499 17.62 -14.55 12.73
CA GLU B 499 17.49 -14.71 11.28
C GLU B 499 16.04 -14.67 10.84
N ASN B 500 15.28 -13.73 11.42
CA ASN B 500 13.85 -13.56 11.14
C ASN B 500 13.04 -14.80 11.50
N GLY B 501 13.53 -15.58 12.47
CA GLY B 501 12.84 -16.77 12.92
C GLY B 501 13.01 -17.98 12.05
N VAL B 502 13.80 -17.90 10.98
CA VAL B 502 13.99 -19.06 10.11
C VAL B 502 14.80 -20.14 10.81
N LEU B 503 15.86 -19.75 11.52
CA LEU B 503 16.75 -20.68 12.19
C LEU B 503 16.30 -21.01 13.61
N LEU B 504 15.21 -20.40 14.09
CA LEU B 504 14.73 -20.60 15.45
C LEU B 504 13.34 -21.24 15.41
N SER B 505 13.15 -22.28 16.21
CA SER B 505 11.87 -22.96 16.30
C SER B 505 11.07 -22.42 17.49
N GLY B 506 9.79 -22.81 17.54
CA GLY B 506 8.93 -22.37 18.64
C GLY B 506 9.38 -22.92 19.98
N GLY B 507 9.72 -24.21 20.02
CA GLY B 507 10.23 -24.78 21.25
C GLY B 507 11.55 -24.16 21.69
N GLN B 508 12.44 -23.92 20.73
CA GLN B 508 13.69 -23.25 21.05
C GLN B 508 13.45 -21.84 21.56
N ARG B 509 12.50 -21.12 20.95
CA ARG B 509 12.17 -19.77 21.42
C ARG B 509 11.63 -19.80 22.84
N GLN B 510 10.74 -20.77 23.12
CA GLN B 510 10.21 -20.88 24.49
C GLN B 510 11.31 -21.21 25.49
N ARG B 511 12.22 -22.11 25.11
CA ARG B 511 13.32 -22.45 26.00
C ARG B 511 14.22 -21.24 26.25
N ILE B 512 14.49 -20.45 25.21
CA ILE B 512 15.31 -19.25 25.36
C ILE B 512 14.62 -18.25 26.26
N ALA B 513 13.29 -18.10 26.12
CA ALA B 513 12.55 -17.20 26.99
C ALA B 513 12.61 -17.65 28.43
N ILE B 514 12.46 -18.96 28.66
CA ILE B 514 12.54 -19.49 30.02
C ILE B 514 13.93 -19.26 30.61
N ALA B 515 14.97 -19.46 29.80
CA ALA B 515 16.34 -19.22 30.26
C ALA B 515 16.54 -17.75 30.61
N ARG B 516 16.02 -16.84 29.79
CA ARG B 516 16.14 -15.42 30.07
C ARG B 516 15.42 -15.06 31.36
N ALA B 517 14.22 -15.61 31.57
CA ALA B 517 13.49 -15.35 32.80
C ALA B 517 14.24 -15.87 34.01
N LEU B 518 14.82 -17.07 33.91
CA LEU B 518 15.57 -17.62 35.02
C LEU B 518 16.80 -16.78 35.32
N LEU B 519 17.51 -16.33 34.28
CA LEU B 519 18.68 -15.49 34.49
C LEU B 519 18.31 -14.17 35.15
N ARG B 520 17.21 -13.55 34.70
CA ARG B 520 16.76 -12.31 35.33
C ARG B 520 16.30 -12.57 36.76
N ASP B 521 15.58 -13.67 36.98
CA ASP B 521 15.11 -14.07 38.32
C ASP B 521 14.31 -12.96 38.99
N SER B 522 13.33 -12.44 38.27
CA SER B 522 12.48 -11.38 38.81
C SER B 522 11.62 -11.92 39.95
N PRO B 523 11.30 -11.08 40.93
CA PRO B 523 10.47 -11.55 42.05
C PRO B 523 9.09 -12.03 41.64
N ILE B 524 8.48 -11.42 40.63
CA ILE B 524 7.13 -11.75 40.19
C ILE B 524 7.19 -12.13 38.72
N LEU B 525 6.58 -13.25 38.37
CA LEU B 525 6.56 -13.74 36.99
C LEU B 525 5.12 -13.94 36.54
N ILE B 526 4.80 -13.42 35.36
CA ILE B 526 3.49 -13.60 34.75
C ILE B 526 3.71 -14.25 33.40
N LEU B 527 3.17 -15.45 33.22
CA LEU B 527 3.36 -16.23 32.00
C LEU B 527 2.03 -16.36 31.26
N ASP B 528 2.10 -16.28 29.93
CA ASP B 528 0.94 -16.40 29.06
C ASP B 528 1.12 -17.67 28.22
N GLU B 529 0.54 -18.76 28.70
CA GLU B 529 0.60 -20.04 28.00
C GLU B 529 -0.52 -20.21 26.98
N ALA B 530 -1.45 -19.27 26.90
CA ALA B 530 -2.53 -19.38 25.92
C ALA B 530 -2.00 -19.33 24.50
N THR B 531 -1.04 -18.45 24.23
CA THR B 531 -0.45 -18.37 22.89
C THR B 531 0.42 -19.58 22.56
N SER B 532 0.85 -20.33 23.57
CA SER B 532 1.66 -21.51 23.32
C SER B 532 0.80 -22.64 22.75
N ALA B 533 1.46 -23.54 22.02
CA ALA B 533 0.82 -24.69 21.42
C ALA B 533 1.18 -25.96 22.19
N LEU B 534 0.17 -26.74 22.56
CA LEU B 534 0.39 -27.96 23.32
C LEU B 534 0.96 -29.08 22.49
N ASP B 535 0.97 -28.96 21.17
CA ASP B 535 1.49 -30.01 20.28
C ASP B 535 3.01 -29.90 20.23
N THR B 536 3.65 -30.37 21.30
CA THR B 536 5.10 -30.36 21.43
C THR B 536 5.59 -31.79 21.60
N GLU B 537 6.56 -32.19 20.79
CA GLU B 537 7.10 -33.55 20.89
C GLU B 537 7.81 -33.76 22.22
N SER B 538 8.60 -32.79 22.65
CA SER B 538 9.36 -32.87 23.90
C SER B 538 8.95 -31.69 24.79
N GLU B 539 8.07 -31.96 25.75
CA GLU B 539 7.58 -30.93 26.66
C GLU B 539 7.81 -31.25 28.13
N ARG B 540 8.14 -32.49 28.49
CA ARG B 540 8.34 -32.84 29.89
C ARG B 540 9.52 -32.09 30.49
N ALA B 541 10.63 -31.99 29.75
CA ALA B 541 11.80 -31.26 30.23
C ALA B 541 11.48 -29.78 30.41
N ILE B 542 10.74 -29.20 29.46
CA ILE B 542 10.36 -27.80 29.57
C ILE B 542 9.47 -27.57 30.78
N GLN B 543 8.51 -28.47 31.01
CA GLN B 543 7.63 -28.35 32.16
C GLN B 543 8.42 -28.47 33.46
N ALA B 544 9.37 -29.40 33.53
CA ALA B 544 10.18 -29.54 34.73
C ALA B 544 11.03 -28.29 34.97
N ALA B 545 11.61 -27.73 33.91
CA ALA B 545 12.39 -26.52 34.05
C ALA B 545 11.54 -25.35 34.52
N LEU B 546 10.33 -25.22 33.97
CA LEU B 546 9.44 -24.15 34.40
C LEU B 546 9.03 -24.32 35.86
N ASP B 547 8.74 -25.56 36.28
CA ASP B 547 8.40 -25.81 37.68
C ASP B 547 9.57 -25.47 38.59
N GLU B 548 10.79 -25.81 38.19
CA GLU B 548 11.96 -25.48 38.99
C GLU B 548 12.15 -23.97 39.07
N LEU B 549 11.95 -23.26 37.96
CA LEU B 549 12.09 -21.81 37.96
C LEU B 549 11.04 -21.14 38.83
N GLN B 550 9.82 -21.64 38.81
CA GLN B 550 8.72 -21.07 39.59
C GLN B 550 8.66 -21.60 41.01
N LYS B 551 9.50 -22.58 41.36
CA LYS B 551 9.47 -23.13 42.71
C LYS B 551 10.02 -22.13 43.72
N ASN B 552 11.16 -21.51 43.42
CA ASN B 552 11.80 -20.61 44.38
C ASN B 552 11.05 -19.30 44.51
N ARG B 553 10.55 -18.74 43.41
CA ARG B 553 9.87 -17.45 43.40
C ARG B 553 8.39 -17.66 43.11
N THR B 554 7.55 -17.09 43.97
CA THR B 554 6.11 -17.18 43.77
C THR B 554 5.69 -16.42 42.53
N SER B 555 4.71 -16.96 41.81
CA SER B 555 4.25 -16.35 40.57
C SER B 555 2.80 -16.74 40.33
N LEU B 556 2.15 -15.95 39.47
CA LEU B 556 0.76 -16.21 39.06
C LEU B 556 0.76 -16.28 37.54
N VAL B 557 0.74 -17.50 37.00
CA VAL B 557 0.84 -17.74 35.57
C VAL B 557 -0.51 -18.24 35.05
N ILE B 558 -0.82 -17.90 33.80
CA ILE B 558 -2.03 -18.38 33.15
C ILE B 558 -1.69 -19.70 32.46
N ALA B 559 -1.78 -20.80 33.21
CA ALA B 559 -1.40 -22.09 32.68
C ALA B 559 -2.52 -22.68 31.81
N HIS B 560 -2.14 -23.65 30.98
CA HIS B 560 -3.09 -24.34 30.11
C HIS B 560 -2.93 -25.85 30.16
N ARG B 561 -2.23 -26.38 31.17
CA ARG B 561 -2.01 -27.82 31.31
C ARG B 561 -2.70 -28.32 32.56
N LEU B 562 -3.15 -29.58 32.50
CA LEU B 562 -3.84 -30.17 33.64
C LEU B 562 -2.92 -30.31 34.85
N SER B 563 -1.67 -30.73 34.61
CA SER B 563 -0.73 -30.89 35.72
C SER B 563 -0.44 -29.56 36.40
N THR B 564 -0.25 -28.50 35.61
CA THR B 564 0.02 -27.19 36.19
C THR B 564 -1.18 -26.68 36.99
N ILE B 565 -2.40 -26.90 36.48
CA ILE B 565 -3.59 -26.48 37.20
C ILE B 565 -3.74 -27.26 38.50
N GLU B 566 -3.47 -28.57 38.46
CA GLU B 566 -3.57 -29.39 39.67
C GLU B 566 -2.52 -28.98 40.70
N LYS B 567 -1.31 -28.64 40.25
CA LYS B 567 -0.25 -28.27 41.16
C LYS B 567 -0.38 -26.85 41.70
N ALA B 568 -1.32 -26.07 41.18
CA ALA B 568 -1.51 -24.70 41.65
C ALA B 568 -2.02 -24.70 43.09
N ASP B 569 -1.48 -23.80 43.92
CA ASP B 569 -1.90 -23.72 45.31
C ASP B 569 -3.29 -23.12 45.42
N GLU B 570 -3.57 -22.04 44.68
CA GLU B 570 -4.85 -21.37 44.73
C GLU B 570 -5.34 -21.13 43.31
N ILE B 571 -6.63 -21.40 43.08
CA ILE B 571 -7.26 -21.20 41.78
C ILE B 571 -8.50 -20.35 41.96
N VAL B 572 -8.62 -19.32 41.13
CA VAL B 572 -9.76 -18.41 41.17
C VAL B 572 -10.51 -18.51 39.84
N VAL B 573 -11.81 -18.73 39.93
CA VAL B 573 -12.64 -18.89 38.73
C VAL B 573 -13.11 -17.51 38.27
N VAL B 574 -12.59 -17.06 37.13
CA VAL B 574 -12.97 -15.78 36.54
C VAL B 574 -13.35 -16.02 35.08
N GLU B 575 -14.54 -15.58 34.70
CA GLU B 575 -15.04 -15.74 33.35
C GLU B 575 -15.52 -14.40 32.82
N ASP B 576 -15.12 -14.07 31.59
CA ASP B 576 -15.51 -12.82 30.93
C ASP B 576 -15.14 -11.61 31.79
N GLY B 577 -13.97 -11.65 32.40
CA GLY B 577 -13.53 -10.56 33.25
C GLY B 577 -14.38 -10.37 34.49
N VAL B 578 -14.89 -11.46 35.06
CA VAL B 578 -15.71 -11.40 36.25
C VAL B 578 -15.63 -12.76 36.95
N ILE B 579 -15.67 -12.72 38.28
CA ILE B 579 -15.62 -13.94 39.09
C ILE B 579 -17.05 -14.40 39.34
N VAL B 580 -17.36 -15.63 38.89
CA VAL B 580 -18.71 -16.17 39.01
C VAL B 580 -18.85 -17.04 40.26
N GLU B 581 -17.86 -17.88 40.54
CA GLU B 581 -17.90 -18.76 41.69
C GLU B 581 -16.70 -18.51 42.59
N ARG B 582 -16.93 -18.50 43.90
CA ARG B 582 -15.89 -18.29 44.89
C ARG B 582 -15.85 -19.47 45.84
N GLY B 583 -14.65 -20.01 46.06
CA GLY B 583 -14.50 -21.15 46.94
C GLY B 583 -13.07 -21.67 46.88
N THR B 584 -12.81 -22.63 47.76
CA THR B 584 -11.49 -23.24 47.82
C THR B 584 -11.21 -24.05 46.56
N HIS B 585 -9.98 -23.97 46.06
CA HIS B 585 -9.60 -24.72 44.87
C HIS B 585 -9.65 -26.22 45.12
N ASN B 586 -9.18 -26.67 46.28
CA ASN B 586 -9.20 -28.09 46.60
C ASN B 586 -10.63 -28.61 46.70
N ASP B 587 -11.52 -27.85 47.34
CA ASP B 587 -12.91 -28.26 47.45
C ASP B 587 -13.58 -28.34 46.08
N LEU B 588 -13.30 -27.36 45.20
CA LEU B 588 -13.86 -27.37 43.86
C LEU B 588 -13.34 -28.57 43.07
N LEU B 589 -12.05 -28.87 43.19
CA LEU B 589 -11.49 -30.02 42.49
C LEU B 589 -12.09 -31.32 43.00
N GLU B 590 -12.29 -31.44 44.31
CA GLU B 590 -12.88 -32.65 44.88
C GLU B 590 -14.33 -32.81 44.43
N HIS B 591 -15.08 -31.70 44.42
CA HIS B 591 -16.49 -31.77 43.99
C HIS B 591 -16.60 -32.19 42.53
N ARG B 592 -15.73 -31.66 41.67
CA ARG B 592 -15.73 -31.97 40.24
C ARG B 592 -17.08 -31.64 39.60
N GLY B 593 -17.44 -30.37 39.67
CA GLY B 593 -18.71 -29.92 39.12
C GLY B 593 -18.58 -29.22 37.79
N VAL B 594 -18.88 -27.92 37.76
CA VAL B 594 -18.82 -27.16 36.51
C VAL B 594 -17.38 -27.03 36.03
N TYR B 595 -16.44 -26.86 36.97
CA TYR B 595 -15.04 -26.71 36.59
C TYR B 595 -14.50 -27.95 35.90
N ALA B 596 -14.83 -29.14 36.43
CA ALA B 596 -14.37 -30.37 35.81
C ALA B 596 -14.95 -30.56 34.43
N GLN B 597 -16.25 -30.26 34.25
CA GLN B 597 -16.87 -30.37 32.94
C GLN B 597 -16.25 -29.40 31.95
N LEU B 598 -15.97 -28.17 32.40
CA LEU B 598 -15.34 -27.18 31.52
C LEU B 598 -13.94 -27.62 31.13
N HIS B 599 -13.17 -28.16 32.08
CA HIS B 599 -11.83 -28.65 31.78
C HIS B 599 -11.87 -29.81 30.79
N LYS B 600 -12.81 -30.74 30.99
CA LYS B 600 -12.94 -31.86 30.06
C LYS B 600 -13.33 -31.40 28.67
N MET B 601 -14.27 -30.45 28.58
CA MET B 601 -14.67 -29.93 27.28
C MET B 601 -13.53 -29.19 26.60
N GLN B 602 -12.78 -28.40 27.36
CA GLN B 602 -11.67 -27.63 26.81
C GLN B 602 -10.49 -27.59 27.78
C1 Z5Y C . 23.14 6.96 -29.61
C2 Z5Y C . 23.43 6.19 -30.72
C3 Z5Y C . 23.05 4.84 -30.77
C7 Z5Y C . 21.40 4.49 -27.45
C8 Z5Y C . 21.12 5.27 -26.34
C9 Z5Y C . 21.50 6.61 -26.31
C10 Z5Y C . 22.17 7.17 -27.39
C11 Z5Y C . 22.59 8.63 -27.38
C12 Z5Y C . 23.47 9.63 -26.96
C13 Z5Y C . 22.39 9.94 -27.77
C14 Z5Y C . 21.20 7.49 -25.08
C15 Z5Y C . 21.29 6.98 -23.86
C16 Z5Y C . 20.99 7.86 -22.65
C20 Z5Y C . 24.97 7.82 -31.41
C21 Z5Y C . 26.35 7.61 -32.04
C22 Z5Y C . 24.39 9.15 -31.89
C24 Z5Y C . 24.11 11.52 -31.69
C6 Z5Y C . 22.47 6.38 -28.52
C4 Z5Y C . 22.39 4.28 -29.69
C5 Z5Y C . 22.08 5.07 -28.56
C23 Z5Y C . 24.66 10.34 -31.23
C25 Z5Y C . 23.30 11.52 -32.82
C26 Z5Y C . 23.04 10.33 -33.48
C27 Z5Y C . 23.58 9.14 -33.01
F30 Z5Y C . 23.33 7.96 -33.66
O17 Z5Y C . 20.89 9.11 -22.80
O18 Z5Y C . 20.84 7.35 -21.51
O19 Z5Y C . 24.12 6.79 -31.81
CL28 Z5Y C . 21.99 10.30 -34.93
CL29 Z5Y C . 25.70 10.33 -29.78
C1 Z5Y D . 8.63 31.89 -19.66
C2 Z5Y D . 8.85 33.19 -19.22
C3 Z5Y D . 8.39 33.58 -17.96
C7 Z5Y D . 6.82 30.43 -16.76
C8 Z5Y D . 6.61 29.13 -17.22
C9 Z5Y D . 7.06 28.75 -18.48
C10 Z5Y D . 7.72 29.67 -19.28
C11 Z5Y D . 8.23 29.27 -20.67
C12 Z5Y D . 8.00 28.98 -22.01
C13 Z5Y D . 9.29 28.92 -21.50
C14 Z5Y D . 6.84 27.32 -19.01
C15 Z5Y D . 6.01 26.50 -18.38
C16 Z5Y D . 5.80 25.09 -18.93
C20 Z5Y D . 9.08 34.02 -21.40
C21 Z5Y D . 8.93 35.43 -21.99
C22 Z5Y D . 10.02 33.16 -22.25
C24 Z5Y D . 10.29 31.42 -23.89
C6 Z5Y D . 7.95 30.98 -18.83
C4 Z5Y D . 7.72 32.68 -17.15
C5 Z5Y D . 7.50 31.36 -17.59
C23 Z5Y D . 9.47 32.23 -23.11
C25 Z5Y D . 11.66 31.55 -23.80
C26 Z5Y D . 12.21 32.48 -22.93
C27 Z5Y D . 11.40 33.28 -22.15
F30 Z5Y D . 11.94 34.21 -21.29
O17 Z5Y D . 6.51 24.69 -19.90
O18 Z5Y D . 4.92 24.33 -18.44
O19 Z5Y D . 9.54 34.08 -20.08
CL28 Z5Y D . 13.99 32.61 -22.84
CL29 Z5Y D . 7.69 32.07 -23.22
#